data_3ASK
#
_entry.id   3ASK
#
_cell.length_a   145.178
_cell.length_b   145.178
_cell.length_c   125.413
_cell.angle_alpha   90.00
_cell.angle_beta   90.00
_cell.angle_gamma   90.00
#
_symmetry.space_group_name_H-M   'P 42 21 2'
#
loop_
_entity.id
_entity.type
_entity.pdbx_description
1 polymer 'E3 ubiquitin-protein ligase UHRF1'
2 polymer 'Histone H3.3'
3 non-polymer 'ZINC ION'
4 water water
#
loop_
_entity_poly.entity_id
_entity_poly.type
_entity_poly.pdbx_seq_one_letter_code
_entity_poly.pdbx_strand_id
1 'polypeptide(L)'
;SLYKVNEYVDARDTNMGAWFEAQVVRVTRKAPSRPALEEDVIYHVKYDDYPENGVVQMNSRDVRARARTIIKWQDLEVGQ
VVMLNYNPDNPKERGFWYDAEISRKRETRTARELYANVVLGDDSLNDCRIIFVDEVFKIERPGEGSPMVDNPMRRKSGPS
CKHCKDDVNRLCRVCACHLCGGRQDPDKQLMCDECDMAFHIYCLDPPLSSVPSEDEWYCPECRNDA
;
A,B,C,D
2 'polypeptide(L)' ARTKQTAR(M3L)STGG P,Q,R
#
loop_
_chem_comp.id
_chem_comp.type
_chem_comp.name
_chem_comp.formula
ZN non-polymer 'ZINC ION' 'Zn 2'
#
# COMPACT_ATOMS: atom_id res chain seq x y z
N SER A 1 8.87 19.08 30.02
CA SER A 1 7.99 19.48 28.94
C SER A 1 7.85 18.34 27.94
N LEU A 2 7.12 18.58 26.85
CA LEU A 2 6.97 17.57 25.81
C LEU A 2 8.30 17.35 25.12
N TYR A 3 8.93 18.46 24.74
CA TYR A 3 10.15 18.44 23.95
C TYR A 3 11.35 18.90 24.75
N LYS A 4 12.42 18.12 24.69
CA LYS A 4 13.58 18.33 25.54
C LYS A 4 14.64 19.14 24.80
N VAL A 5 15.55 19.73 25.56
CA VAL A 5 16.72 20.38 24.96
C VAL A 5 17.46 19.39 24.06
N ASN A 6 18.03 19.89 22.96
CA ASN A 6 18.80 19.06 22.04
C ASN A 6 17.95 18.18 21.14
N GLU A 7 16.64 18.21 21.35
CA GLU A 7 15.72 17.41 20.56
C GLU A 7 15.48 18.12 19.25
N TYR A 8 15.41 17.36 18.17
CA TYR A 8 15.20 17.95 16.86
C TYR A 8 13.70 18.06 16.60
N VAL A 9 13.28 19.21 16.12
CA VAL A 9 11.87 19.52 16.03
C VAL A 9 11.62 20.30 14.75
N ASP A 10 10.35 20.59 14.49
CA ASP A 10 10.01 21.53 13.44
C ASP A 10 9.39 22.70 14.18
N ALA A 11 9.76 23.91 13.79
CA ALA A 11 9.19 25.09 14.39
C ALA A 11 8.44 25.87 13.33
N ARG A 12 7.21 26.28 13.65
CA ARG A 12 6.39 27.01 12.70
C ARG A 12 6.58 28.52 12.77
N ASP A 13 6.86 29.13 11.63
CA ASP A 13 6.92 30.58 11.52
C ASP A 13 5.51 31.11 11.42
N THR A 14 5.10 31.90 12.40
CA THR A 14 3.70 32.32 12.53
C THR A 14 3.23 33.29 11.44
N ASN A 15 4.17 33.94 10.76
CA ASN A 15 3.81 34.83 9.65
C ASN A 15 3.34 34.06 8.44
N MET A 16 4.17 33.11 7.99
CA MET A 16 3.92 32.41 6.75
C MET A 16 3.29 31.04 6.93
N GLY A 17 3.25 30.54 8.16
CA GLY A 17 2.59 29.28 8.44
C GLY A 17 3.48 28.08 8.21
N ALA A 18 4.60 28.29 7.54
CA ALA A 18 5.54 27.21 7.22
C ALA A 18 6.23 26.62 8.46
N TRP A 19 6.58 25.34 8.39
CA TRP A 19 7.37 24.72 9.44
C TRP A 19 8.82 24.60 8.99
N PHE A 20 9.73 24.86 9.94
CA PHE A 20 11.15 24.83 9.65
C PHE A 20 11.90 23.87 10.54
N GLU A 21 12.95 23.29 9.99
CA GLU A 21 13.75 22.35 10.75
C GLU A 21 14.59 23.14 11.74
N ALA A 22 14.46 22.79 13.01
CA ALA A 22 15.10 23.52 14.09
C ALA A 22 15.49 22.57 15.21
N GLN A 23 16.10 23.12 16.24
CA GLN A 23 16.55 22.31 17.36
C GLN A 23 16.40 23.03 18.70
N VAL A 24 16.03 22.28 19.73
CA VAL A 24 15.74 22.90 21.01
C VAL A 24 17.00 23.19 21.79
N VAL A 25 17.17 24.45 22.15
CA VAL A 25 18.35 24.93 22.84
C VAL A 25 18.12 25.12 24.34
N ARG A 26 16.98 25.68 24.71
CA ARG A 26 16.64 25.90 26.10
C ARG A 26 15.12 25.88 26.30
N VAL A 27 14.67 25.40 27.46
CA VAL A 27 13.24 25.39 27.77
C VAL A 27 12.91 26.23 29.00
N THR A 28 12.04 27.23 28.83
CA THR A 28 11.54 28.03 29.96
C THR A 28 10.01 28.11 30.00
N ARG A 29 9.45 28.37 31.18
CA ARG A 29 7.98 28.45 31.33
C ARG A 29 7.48 29.88 31.56
N LYS A 30 6.16 30.09 31.51
CA LYS A 30 5.58 31.44 31.61
C LYS A 30 4.98 31.77 32.99
N ALA A 31 4.26 30.80 33.56
CA ALA A 31 3.54 31.00 34.83
C ALA A 31 3.91 29.94 35.88
N GLU A 38 1.68 22.38 32.87
CA GLU A 38 0.90 22.60 31.65
C GLU A 38 1.80 23.04 30.49
N GLU A 39 1.53 22.51 29.29
CA GLU A 39 2.35 22.81 28.12
C GLU A 39 2.09 24.17 27.51
N ASP A 40 2.08 25.21 28.34
CA ASP A 40 2.21 26.57 27.84
C ASP A 40 3.59 27.06 28.22
N VAL A 41 4.59 26.40 27.61
CA VAL A 41 5.98 26.68 27.88
C VAL A 41 6.56 27.46 26.72
N ILE A 42 7.83 27.83 26.85
CA ILE A 42 8.54 28.54 25.81
C ILE A 42 9.71 27.71 25.31
N TYR A 43 9.76 27.50 24.01
CA TYR A 43 10.84 26.75 23.43
C TYR A 43 11.84 27.69 22.77
N HIS A 44 13.10 27.58 23.19
CA HIS A 44 14.15 28.37 22.60
C HIS A 44 14.84 27.51 21.56
N VAL A 45 14.60 27.82 20.28
CA VAL A 45 15.11 26.97 19.20
C VAL A 45 16.09 27.74 18.34
N LYS A 46 17.10 27.05 17.82
CA LYS A 46 17.96 27.61 16.77
C LYS A 46 17.64 26.86 15.50
N TYR A 47 17.54 27.60 14.40
CA TYR A 47 17.20 26.99 13.10
C TYR A 47 18.41 26.36 12.41
N ASP A 48 18.22 25.16 11.88
CA ASP A 48 19.32 24.37 11.30
C ASP A 48 20.20 25.16 10.31
N ASP A 49 19.57 25.79 9.34
CA ASP A 49 20.29 26.51 8.30
C ASP A 49 19.99 28.01 8.31
N TYR A 50 19.70 28.55 9.49
CA TYR A 50 19.52 29.98 9.63
C TYR A 50 20.22 30.54 10.88
N PRO A 51 21.52 30.24 11.04
CA PRO A 51 22.27 30.75 12.19
C PRO A 51 22.11 32.26 12.39
N GLU A 52 21.96 32.99 11.31
CA GLU A 52 21.84 34.44 11.37
C GLU A 52 20.66 34.91 12.23
N ASN A 53 19.74 34.01 12.54
CA ASN A 53 18.55 34.39 13.28
C ASN A 53 18.74 34.02 14.73
N GLY A 54 19.87 33.38 15.00
CA GLY A 54 20.21 32.99 16.36
C GLY A 54 19.11 32.20 17.01
N VAL A 55 18.91 32.44 18.30
CA VAL A 55 17.98 31.66 19.07
C VAL A 55 16.64 32.39 19.16
N VAL A 56 15.61 31.77 18.61
CA VAL A 56 14.28 32.34 18.59
C VAL A 56 13.41 31.68 19.63
N GLN A 57 12.47 32.44 20.19
CA GLN A 57 11.55 31.90 21.18
C GLN A 57 10.28 31.49 20.51
N MET A 58 9.82 30.27 20.78
CA MET A 58 8.64 29.73 20.15
C MET A 58 7.56 29.46 21.18
N ASN A 59 6.32 29.74 20.82
CA ASN A 59 5.20 29.36 21.64
C ASN A 59 5.04 27.86 21.42
N SER A 60 4.62 27.13 22.44
CA SER A 60 4.59 25.66 22.35
C SER A 60 3.68 25.14 21.23
N ARG A 61 2.65 25.89 20.89
CA ARG A 61 1.74 25.46 19.84
C ARG A 61 2.42 25.43 18.49
N ASP A 62 3.65 25.97 18.43
CA ASP A 62 4.36 26.11 17.18
C ASP A 62 5.62 25.23 17.09
N VAL A 63 5.70 24.25 17.97
CA VAL A 63 6.81 23.29 17.95
C VAL A 63 6.26 21.86 18.03
N ARG A 64 6.73 20.99 17.15
CA ARG A 64 6.46 19.57 17.27
C ARG A 64 7.70 18.76 16.94
N ALA A 65 7.64 17.46 17.21
CA ALA A 65 8.73 16.57 16.86
C ALA A 65 9.03 16.65 15.37
N ARG A 66 10.29 16.48 15.01
CA ARG A 66 10.73 16.57 13.64
C ARG A 66 10.09 15.51 12.79
N ALA A 67 9.61 15.91 11.62
CA ALA A 67 9.02 14.97 10.68
C ALA A 67 10.09 13.97 10.27
N ARG A 68 9.69 12.70 10.10
CA ARG A 68 10.62 11.64 9.75
C ARG A 68 10.01 10.61 8.82
N THR A 69 8.69 10.52 8.84
CA THR A 69 8.02 9.45 8.14
C THR A 69 7.31 9.94 6.90
N ILE A 70 7.69 9.39 5.76
CA ILE A 70 7.04 9.72 4.51
C ILE A 70 5.81 8.85 4.23
N ILE A 71 4.71 9.50 3.84
CA ILE A 71 3.53 8.78 3.40
C ILE A 71 3.51 8.63 1.88
N LYS A 72 3.59 7.37 1.44
CA LYS A 72 3.61 7.06 0.01
C LYS A 72 2.31 7.52 -0.65
N TRP A 73 2.41 7.86 -1.92
CA TRP A 73 1.24 8.15 -2.74
C TRP A 73 0.08 7.17 -2.50
N GLN A 74 0.36 5.87 -2.50
CA GLN A 74 -0.70 4.89 -2.34
C GLN A 74 -1.37 4.86 -0.99
N ASP A 75 -0.73 5.49 -0.01
CA ASP A 75 -1.26 5.49 1.35
C ASP A 75 -1.97 6.79 1.67
N LEU A 76 -1.89 7.74 0.74
CA LEU A 76 -2.54 9.04 0.91
C LEU A 76 -4.04 8.95 0.72
N GLU A 77 -4.78 9.24 1.78
CA GLU A 77 -6.23 9.27 1.74
C GLU A 77 -6.72 10.69 1.75
N VAL A 78 -7.77 10.96 0.99
CA VAL A 78 -8.41 12.26 1.09
C VAL A 78 -8.90 12.50 2.51
N GLY A 79 -8.86 13.75 2.95
CA GLY A 79 -9.27 14.09 4.31
C GLY A 79 -8.16 13.97 5.36
N GLN A 80 -7.05 13.39 4.95
CA GLN A 80 -5.89 13.20 5.79
C GLN A 80 -5.12 14.53 5.90
N VAL A 81 -4.62 14.83 7.10
CA VAL A 81 -3.90 16.08 7.34
C VAL A 81 -2.41 15.83 7.47
N VAL A 82 -1.63 16.41 6.56
CA VAL A 82 -0.23 16.04 6.42
C VAL A 82 0.67 17.28 6.33
N MET A 83 1.98 17.07 6.23
CA MET A 83 2.90 18.17 5.95
C MET A 83 3.59 17.96 4.63
N LEU A 84 3.41 18.91 3.72
CA LEU A 84 3.93 18.77 2.36
C LEU A 84 4.56 20.07 1.92
N ASN A 85 5.10 20.09 0.71
CA ASN A 85 5.82 21.24 0.20
C ASN A 85 5.03 22.00 -0.87
N TYR A 86 4.94 23.31 -0.72
CA TYR A 86 4.19 24.15 -1.65
C TYR A 86 4.79 25.54 -1.69
N ASN A 87 4.75 26.18 -2.86
CA ASN A 87 5.29 27.52 -3.03
C ASN A 87 4.20 28.46 -3.53
N PRO A 88 3.44 29.09 -2.61
CA PRO A 88 2.24 29.85 -2.97
C PRO A 88 2.48 31.00 -3.94
N ASP A 89 3.72 31.46 -4.09
CA ASP A 89 4.03 32.52 -5.05
C ASP A 89 4.41 31.93 -6.39
N ASN A 90 4.87 30.68 -6.36
CA ASN A 90 5.28 29.97 -7.57
C ASN A 90 4.87 28.52 -7.53
N PRO A 91 3.56 28.25 -7.65
CA PRO A 91 3.03 26.91 -7.40
C PRO A 91 3.66 25.81 -8.24
N LYS A 92 4.40 26.15 -9.27
CA LYS A 92 5.03 25.12 -10.08
C LYS A 92 6.44 24.78 -9.56
N GLU A 93 6.89 25.53 -8.56
CA GLU A 93 8.25 25.39 -8.02
C GLU A 93 8.24 24.79 -6.62
N ARG A 94 9.41 24.37 -6.14
CA ARG A 94 9.51 23.92 -4.76
C ARG A 94 9.40 25.13 -3.84
N GLY A 95 8.82 24.92 -2.67
CA GLY A 95 8.66 26.00 -1.73
C GLY A 95 9.01 25.59 -0.31
N PHE A 96 8.08 25.80 0.61
CA PHE A 96 8.31 25.46 2.00
C PHE A 96 7.35 24.39 2.50
N TRP A 97 7.39 24.11 3.78
CA TRP A 97 6.65 23.02 4.33
C TRP A 97 5.44 23.51 5.10
N TYR A 98 4.26 23.15 4.63
CA TYR A 98 3.01 23.60 5.22
C TYR A 98 2.17 22.39 5.58
N ASP A 99 1.25 22.61 6.51
CA ASP A 99 0.23 21.63 6.83
C ASP A 99 -0.94 21.76 5.87
N ALA A 100 -1.46 20.63 5.41
CA ALA A 100 -2.53 20.63 4.41
C ALA A 100 -3.45 19.45 4.62
N GLU A 101 -4.72 19.64 4.29
CA GLU A 101 -5.66 18.54 4.25
C GLU A 101 -5.81 18.12 2.81
N ILE A 102 -5.56 16.85 2.56
CA ILE A 102 -5.65 16.33 1.21
C ILE A 102 -7.11 16.29 0.77
N SER A 103 -7.36 16.81 -0.44
CA SER A 103 -8.74 17.06 -0.88
C SER A 103 -9.15 16.19 -2.06
N ARG A 104 -8.20 15.81 -2.90
CA ARG A 104 -8.53 15.07 -4.10
C ARG A 104 -7.29 14.40 -4.69
N LYS A 105 -7.44 13.17 -5.16
CA LYS A 105 -6.39 12.52 -5.93
C LYS A 105 -6.94 12.01 -7.26
N ARG A 106 -6.12 12.12 -8.30
CA ARG A 106 -6.51 11.67 -9.60
C ARG A 106 -5.28 11.05 -10.24
N GLU A 107 -5.37 9.80 -10.65
CA GLU A 107 -4.25 9.15 -11.30
C GLU A 107 -4.66 8.76 -12.69
N THR A 108 -3.85 9.17 -13.66
CA THR A 108 -4.07 8.84 -15.05
C THR A 108 -2.77 8.22 -15.54
N ARG A 109 -2.71 7.97 -16.84
CA ARG A 109 -1.58 7.28 -17.41
C ARG A 109 -0.34 8.14 -17.36
N THR A 110 -0.53 9.45 -17.28
CA THR A 110 0.60 10.40 -17.37
C THR A 110 0.98 11.09 -16.06
N ALA A 111 0.03 11.25 -15.14
CA ALA A 111 0.32 11.99 -13.93
C ALA A 111 -0.38 11.47 -12.68
N ARG A 112 0.28 11.65 -11.53
CA ARG A 112 -0.36 11.47 -10.24
C ARG A 112 -0.67 12.86 -9.70
N GLU A 113 -1.95 13.14 -9.50
CA GLU A 113 -2.41 14.49 -9.23
C GLU A 113 -2.89 14.59 -7.81
N LEU A 114 -2.14 15.35 -7.00
CA LEU A 114 -2.46 15.54 -5.61
C LEU A 114 -2.98 16.95 -5.38
N TYR A 115 -4.16 17.06 -4.78
CA TYR A 115 -4.73 18.36 -4.44
C TYR A 115 -5.01 18.41 -2.95
N ALA A 116 -4.70 19.54 -2.34
CA ALA A 116 -4.89 19.71 -0.90
C ALA A 116 -5.12 21.15 -0.54
N ASN A 117 -5.75 21.36 0.61
CA ASN A 117 -5.92 22.68 1.19
C ASN A 117 -4.75 23.06 2.06
N VAL A 118 -3.84 23.87 1.54
CA VAL A 118 -2.66 24.31 2.26
C VAL A 118 -3.00 25.39 3.31
N VAL A 119 -2.54 25.19 4.52
CA VAL A 119 -2.78 26.15 5.59
C VAL A 119 -1.61 27.12 5.74
N LEU A 120 -1.87 28.39 5.48
CA LEU A 120 -0.83 29.41 5.58
C LEU A 120 -0.86 30.15 6.91
N GLY A 121 -0.33 31.38 6.91
CA GLY A 121 -0.24 32.19 8.11
C GLY A 121 -1.55 32.42 8.84
N ASP A 122 -2.55 32.92 8.14
CA ASP A 122 -3.86 33.14 8.72
C ASP A 122 -4.96 32.34 8.01
N ASP A 123 -5.21 32.64 6.75
CA ASP A 123 -6.23 31.94 5.97
C ASP A 123 -5.69 30.64 5.37
N SER A 124 -6.58 29.84 4.79
CA SER A 124 -6.16 28.65 4.06
C SER A 124 -6.22 28.91 2.56
N LEU A 125 -5.70 27.96 1.79
CA LEU A 125 -5.54 28.14 0.37
C LEU A 125 -6.08 26.90 -0.35
N ASN A 126 -7.39 26.86 -0.54
CA ASN A 126 -8.07 25.67 -1.03
C ASN A 126 -7.69 25.18 -2.43
N ASP A 127 -7.56 23.86 -2.53
CA ASP A 127 -7.41 23.14 -3.81
C ASP A 127 -6.04 23.30 -4.50
N CYS A 128 -5.00 23.42 -3.71
CA CYS A 128 -3.69 23.58 -4.30
C CYS A 128 -3.25 22.31 -4.99
N ARG A 129 -2.59 22.45 -6.12
CA ARG A 129 -2.06 21.31 -6.82
C ARG A 129 -0.65 21.04 -6.34
N ILE A 130 -0.54 20.06 -5.44
CA ILE A 130 0.74 19.66 -4.85
C ILE A 130 1.66 18.94 -5.81
N ILE A 131 2.86 19.47 -5.98
CA ILE A 131 3.78 18.96 -7.00
C ILE A 131 4.64 17.78 -6.50
N PHE A 132 4.90 17.75 -5.20
CA PHE A 132 5.87 16.80 -4.68
C PHE A 132 5.18 15.69 -3.93
N VAL A 133 4.61 14.78 -4.71
CA VAL A 133 3.73 13.72 -4.23
C VAL A 133 4.48 12.62 -3.47
N ASP A 134 5.77 12.49 -3.75
CA ASP A 134 6.60 11.50 -3.09
C ASP A 134 7.36 12.06 -1.88
N GLU A 135 6.99 13.25 -1.43
CA GLU A 135 7.61 13.90 -0.27
C GLU A 135 6.57 14.41 0.67
N VAL A 136 5.56 13.60 0.97
CA VAL A 136 4.53 14.00 1.95
C VAL A 136 4.82 13.39 3.31
N PHE A 137 4.90 14.24 4.33
CA PHE A 137 5.29 13.78 5.66
C PHE A 137 4.09 13.58 6.56
N LYS A 138 4.17 12.55 7.37
CA LYS A 138 3.18 12.34 8.41
C LYS A 138 3.54 13.37 9.45
N ILE A 139 2.53 13.97 10.06
CA ILE A 139 2.78 14.87 11.15
C ILE A 139 2.89 14.04 12.40
N GLU A 140 4.02 14.12 13.10
CA GLU A 140 4.19 13.39 14.34
C GLU A 140 3.16 13.81 15.37
N ARG A 141 2.55 12.84 16.03
CA ARG A 141 1.57 13.15 17.06
C ARG A 141 2.24 13.19 18.45
N PRO A 142 1.84 14.16 19.29
CA PRO A 142 2.32 14.29 20.67
C PRO A 142 2.16 13.03 21.50
N GLY A 143 3.19 12.66 22.25
CA GLY A 143 3.09 11.50 23.10
C GLY A 143 3.44 10.22 22.35
N GLU A 144 2.73 9.98 21.26
CA GLU A 144 3.06 8.86 20.38
C GLU A 144 4.41 9.11 19.71
N GLY A 145 5.06 8.05 19.27
CA GLY A 145 6.31 8.18 18.53
C GLY A 145 7.48 8.60 19.42
N SER A 146 8.69 8.33 18.93
CA SER A 146 9.90 8.60 19.70
C SER A 146 10.38 10.03 19.45
N PRO A 147 11.25 10.53 20.34
CA PRO A 147 11.87 11.83 20.13
C PRO A 147 13.09 11.67 19.22
N MET A 148 13.27 12.64 18.33
CA MET A 148 14.42 12.66 17.44
C MET A 148 15.63 13.29 18.13
N VAL A 149 16.62 12.48 18.43
CA VAL A 149 17.77 12.97 19.18
C VAL A 149 19.05 12.86 18.36
N ASP A 150 19.03 12.03 17.33
CA ASP A 150 20.17 11.89 16.44
C ASP A 150 20.01 12.77 15.19
N ASN A 151 21.09 13.40 14.73
CA ASN A 151 21.00 14.33 13.61
C ASN A 151 20.40 13.70 12.34
N PRO A 152 19.25 14.23 11.89
CA PRO A 152 18.48 13.62 10.80
C PRO A 152 18.88 14.16 9.43
N MET A 153 18.39 13.49 8.39
CA MET A 153 18.60 13.95 7.03
C MET A 153 17.78 15.22 6.84
N ARG A 154 18.15 16.02 5.85
CA ARG A 154 17.48 17.30 5.63
C ARG A 154 16.37 17.23 4.56
N ARG A 155 15.24 17.87 4.82
CA ARG A 155 14.24 18.04 3.80
C ARG A 155 14.80 19.02 2.78
N LYS A 156 14.32 18.94 1.55
CA LYS A 156 14.72 19.91 0.54
C LYS A 156 13.73 21.07 0.50
N SER A 157 14.24 22.30 0.63
CA SER A 157 13.39 23.49 0.59
C SER A 157 13.85 24.46 -0.49
N GLY A 158 12.92 25.24 -1.02
CA GLY A 158 13.15 25.86 -2.30
C GLY A 158 13.48 27.33 -2.21
N PRO A 159 13.40 28.00 -3.39
CA PRO A 159 13.19 27.19 -4.59
C PRO A 159 14.49 26.73 -5.28
N SER A 160 14.33 26.02 -6.39
CA SER A 160 15.44 25.40 -7.09
C SER A 160 15.92 26.17 -8.33
N CYS A 161 17.22 26.41 -8.41
CA CYS A 161 17.83 26.99 -9.60
C CYS A 161 17.75 26.00 -10.76
N LYS A 162 16.85 26.24 -11.71
CA LYS A 162 16.71 25.34 -12.86
C LYS A 162 18.02 25.20 -13.62
N HIS A 163 18.83 26.26 -13.61
CA HIS A 163 20.03 26.32 -14.45
C HIS A 163 21.29 25.68 -13.84
N CYS A 164 21.41 25.67 -12.51
CA CYS A 164 22.56 25.05 -11.87
C CYS A 164 22.13 23.83 -11.09
N LYS A 165 20.81 23.58 -11.09
CA LYS A 165 20.22 22.47 -10.36
C LYS A 165 20.69 22.42 -8.90
N ASP A 166 20.75 23.59 -8.26
CA ASP A 166 21.11 23.70 -6.85
C ASP A 166 22.43 23.00 -6.47
N ASP A 167 23.19 22.60 -7.49
CA ASP A 167 24.53 22.07 -7.30
C ASP A 167 25.28 22.92 -6.29
N VAL A 168 25.11 22.61 -5.01
CA VAL A 168 25.66 23.41 -3.91
C VAL A 168 27.19 23.43 -3.92
N ASN A 169 27.77 23.15 -5.10
CA ASN A 169 29.23 23.08 -5.32
C ASN A 169 29.66 23.63 -6.70
N ARG A 170 28.79 24.37 -7.37
CA ARG A 170 29.03 24.77 -8.77
C ARG A 170 29.00 26.28 -9.07
N LEU A 171 29.36 26.61 -10.32
CA LEU A 171 29.26 27.97 -10.85
C LEU A 171 27.80 28.33 -11.07
N CYS A 172 27.43 29.57 -10.76
CA CYS A 172 26.07 30.04 -11.01
C CYS A 172 25.93 31.56 -10.99
N ARG A 173 25.92 32.15 -12.19
CA ARG A 173 25.70 33.59 -12.35
C ARG A 173 24.20 33.91 -12.32
N VAL A 174 23.43 33.09 -11.60
CA VAL A 174 22.00 33.34 -11.39
C VAL A 174 21.67 33.34 -9.89
N CYS A 175 21.51 32.13 -9.34
CA CYS A 175 21.14 31.97 -7.92
C CYS A 175 22.20 32.52 -6.96
N ALA A 176 23.38 32.82 -7.49
CA ALA A 176 24.46 33.38 -6.70
C ALA A 176 24.89 34.70 -7.33
N CYS A 177 26.06 35.22 -6.93
CA CYS A 177 26.51 36.51 -7.46
C CYS A 177 26.49 36.52 -8.99
N HIS A 178 25.80 37.50 -9.55
CA HIS A 178 25.65 37.62 -10.99
C HIS A 178 27.00 37.87 -11.65
N LEU A 179 27.97 38.29 -10.84
CA LEU A 179 29.34 38.52 -11.34
C LEU A 179 30.22 37.26 -11.27
N CYS A 180 30.41 36.72 -10.05
CA CYS A 180 31.09 35.44 -9.87
C CYS A 180 30.11 34.26 -9.74
N GLY A 181 29.62 34.01 -8.53
CA GLY A 181 28.68 32.94 -8.28
C GLY A 181 28.95 32.31 -6.93
N GLY A 182 29.86 32.92 -6.18
CA GLY A 182 30.29 32.35 -4.92
C GLY A 182 29.24 32.53 -3.86
N ARG A 183 28.81 31.42 -3.27
CA ARG A 183 27.89 31.46 -2.14
C ARG A 183 28.63 32.07 -0.91
N GLN A 184 29.82 32.62 -1.18
CA GLN A 184 30.66 33.32 -0.20
C GLN A 184 29.92 34.39 0.62
N ASP A 187 24.75 36.02 4.79
CA ASP A 187 24.33 37.05 5.76
C ASP A 187 24.17 38.45 5.15
N LYS A 188 25.25 38.98 4.58
CA LYS A 188 25.22 40.35 4.02
C LYS A 188 25.44 40.35 2.52
N GLN A 189 24.68 39.51 1.82
CA GLN A 189 24.54 39.61 0.36
C GLN A 189 23.32 40.52 0.03
N LEU A 190 23.41 41.29 -1.05
CA LEU A 190 22.34 42.26 -1.39
C LEU A 190 21.84 42.05 -2.83
N MET A 191 20.62 42.49 -3.15
CA MET A 191 19.99 42.09 -4.42
C MET A 191 19.25 43.17 -5.23
N CYS A 192 19.52 43.23 -6.54
CA CYS A 192 18.85 44.20 -7.42
C CYS A 192 17.34 44.17 -7.19
N ASP A 193 16.64 45.18 -7.67
CA ASP A 193 15.19 45.27 -7.48
C ASP A 193 14.48 45.42 -8.81
N GLU A 194 15.26 45.44 -9.88
CA GLU A 194 14.70 45.34 -11.23
C GLU A 194 14.97 43.97 -11.80
N CYS A 195 16.22 43.52 -11.71
CA CYS A 195 16.60 42.22 -12.26
C CYS A 195 16.42 41.10 -11.23
N ASP A 196 16.44 41.47 -9.96
CA ASP A 196 16.28 40.52 -8.86
C ASP A 196 17.56 39.69 -8.69
N MET A 197 18.52 39.93 -9.57
CA MET A 197 19.79 39.23 -9.49
C MET A 197 20.58 39.64 -8.25
N ALA A 198 21.21 38.69 -7.60
CA ALA A 198 21.94 38.91 -6.36
C ALA A 198 23.34 39.44 -6.61
N PHE A 199 23.83 40.26 -5.67
CA PHE A 199 25.21 40.75 -5.68
C PHE A 199 25.79 40.67 -4.28
N HIS A 200 27.07 41.01 -4.15
CA HIS A 200 27.83 40.57 -2.99
C HIS A 200 27.75 41.53 -1.80
N ILE A 201 28.73 42.43 -1.78
CA ILE A 201 28.84 43.63 -0.94
C ILE A 201 30.04 44.39 -1.59
N TYR A 202 31.10 43.63 -1.90
CA TYR A 202 32.30 44.09 -2.63
C TYR A 202 32.07 44.31 -4.13
N CYS A 203 32.34 43.27 -4.92
CA CYS A 203 32.26 43.28 -6.40
C CYS A 203 31.92 44.65 -7.02
N PRO A 206 33.53 48.82 -7.07
CA PRO A 206 33.38 49.75 -5.93
C PRO A 206 33.07 49.03 -4.61
N PRO A 207 33.20 49.73 -3.46
CA PRO A 207 33.14 49.15 -2.09
C PRO A 207 31.76 49.16 -1.40
N LEU A 208 31.76 49.08 -0.07
CA LEU A 208 30.54 49.12 0.76
C LEU A 208 30.92 49.23 2.24
N SER A 209 29.96 49.11 3.15
CA SER A 209 30.22 49.39 4.58
C SER A 209 29.34 48.69 5.63
N SER A 210 28.00 48.77 5.45
CA SER A 210 27.04 48.22 6.44
C SER A 210 25.55 48.24 6.02
N VAL A 211 25.22 47.59 4.90
CA VAL A 211 23.84 47.47 4.35
C VAL A 211 22.99 48.75 4.39
N PRO A 212 22.87 49.44 3.24
CA PRO A 212 22.28 50.78 3.08
C PRO A 212 20.98 51.06 3.86
N SER A 213 20.69 52.34 4.07
CA SER A 213 19.38 52.73 4.58
C SER A 213 18.36 52.38 3.51
N GLU A 214 18.33 53.20 2.46
CA GLU A 214 17.42 53.07 1.32
C GLU A 214 16.70 51.71 1.22
N ASP A 215 15.40 51.72 0.98
CA ASP A 215 14.67 50.45 0.85
C ASP A 215 15.01 49.69 -0.42
N GLU A 216 15.26 50.43 -1.51
CA GLU A 216 15.65 49.83 -2.77
C GLU A 216 17.14 50.02 -2.97
N TRP A 217 17.72 49.26 -3.88
CA TRP A 217 19.16 49.31 -4.11
C TRP A 217 19.50 48.53 -5.35
N TYR A 218 20.61 48.86 -6.01
CA TYR A 218 20.76 48.35 -7.36
C TYR A 218 22.10 47.78 -7.79
N CYS A 219 22.01 46.91 -8.81
CA CYS A 219 23.13 46.43 -9.61
C CYS A 219 23.00 46.97 -11.04
N PRO A 220 24.03 47.70 -11.49
CA PRO A 220 24.28 48.46 -12.72
C PRO A 220 23.45 48.18 -13.97
N GLU A 221 23.14 46.91 -14.24
CA GLU A 221 22.50 46.51 -15.51
C GLU A 221 21.02 46.88 -15.61
N CYS A 222 20.43 47.27 -14.48
CA CYS A 222 19.00 47.59 -14.47
C CYS A 222 18.71 49.10 -14.43
N ARG A 223 19.73 49.91 -14.11
CA ARG A 223 19.57 51.37 -14.09
C ARG A 223 19.52 51.94 -15.51
N SER B 1 1.34 -30.90 -19.07
CA SER B 1 0.90 -29.56 -19.48
C SER B 1 1.09 -28.56 -18.35
N LEU B 2 0.67 -27.32 -18.58
CA LEU B 2 0.71 -26.31 -17.53
C LEU B 2 -0.25 -26.64 -16.40
N TYR B 3 -1.49 -26.95 -16.78
CA TYR B 3 -2.54 -27.20 -15.81
C TYR B 3 -2.93 -28.68 -15.77
N LYS B 4 -3.00 -29.23 -14.57
CA LYS B 4 -3.25 -30.65 -14.38
C LYS B 4 -4.72 -30.94 -14.16
N VAL B 5 -5.08 -32.21 -14.31
CA VAL B 5 -6.44 -32.65 -13.99
C VAL B 5 -6.75 -32.31 -12.54
N ASN B 6 -8.00 -31.95 -12.26
CA ASN B 6 -8.41 -31.66 -10.88
C ASN B 6 -7.95 -30.31 -10.37
N GLU B 7 -7.19 -29.60 -11.18
CA GLU B 7 -6.72 -28.27 -10.81
C GLU B 7 -7.83 -27.27 -11.07
N TYR B 8 -7.98 -26.33 -10.15
CA TYR B 8 -9.01 -25.30 -10.31
C TYR B 8 -8.46 -24.16 -11.13
N VAL B 9 -9.26 -23.69 -12.07
CA VAL B 9 -8.81 -22.75 -13.07
C VAL B 9 -9.93 -21.78 -13.35
N ASP B 10 -9.65 -20.78 -14.18
CA ASP B 10 -10.69 -19.93 -14.76
C ASP B 10 -10.66 -20.24 -16.25
N ALA B 11 -11.84 -20.43 -16.82
CA ALA B 11 -11.93 -20.69 -18.25
C ALA B 11 -12.70 -19.57 -18.92
N ARG B 12 -12.15 -19.07 -20.03
CA ARG B 12 -12.74 -17.93 -20.71
C ARG B 12 -13.74 -18.35 -21.78
N ASP B 13 -14.95 -17.81 -21.68
CA ASP B 13 -15.95 -17.99 -22.73
C ASP B 13 -15.62 -17.08 -23.91
N THR B 14 -15.31 -17.67 -25.06
CA THR B 14 -14.82 -16.89 -26.20
C THR B 14 -15.82 -15.94 -26.84
N ASN B 15 -17.10 -16.14 -26.58
CA ASN B 15 -18.14 -15.25 -27.09
C ASN B 15 -18.17 -13.92 -26.37
N MET B 16 -18.26 -14.00 -25.04
CA MET B 16 -18.42 -12.81 -24.21
C MET B 16 -17.13 -12.29 -23.59
N GLY B 17 -16.07 -13.09 -23.65
CA GLY B 17 -14.76 -12.67 -23.13
C GLY B 17 -14.61 -12.89 -21.62
N ALA B 18 -15.71 -13.17 -20.94
CA ALA B 18 -15.69 -13.38 -19.50
C ALA B 18 -14.96 -14.64 -19.10
N TRP B 19 -14.41 -14.63 -17.89
CA TRP B 19 -13.75 -15.80 -17.32
C TRP B 19 -14.69 -16.45 -16.31
N PHE B 20 -14.71 -17.78 -16.32
CA PHE B 20 -15.58 -18.54 -15.44
C PHE B 20 -14.84 -19.53 -14.57
N GLU B 21 -15.32 -19.70 -13.35
CA GLU B 21 -14.71 -20.62 -12.43
C GLU B 21 -15.02 -22.03 -12.92
N ALA B 22 -13.98 -22.83 -13.10
CA ALA B 22 -14.09 -24.15 -13.68
C ALA B 22 -13.01 -25.03 -13.12
N GLN B 23 -13.03 -26.29 -13.54
CA GLN B 23 -12.08 -27.26 -13.03
C GLN B 23 -11.68 -28.28 -14.09
N VAL B 24 -10.41 -28.65 -14.09
CA VAL B 24 -9.88 -29.52 -15.15
C VAL B 24 -10.23 -30.98 -14.92
N VAL B 25 -10.90 -31.56 -15.92
CA VAL B 25 -11.38 -32.92 -15.86
C VAL B 25 -10.50 -33.92 -16.62
N ARG B 26 -10.04 -33.50 -17.81
CA ARG B 26 -9.16 -34.31 -18.65
C ARG B 26 -8.25 -33.44 -19.52
N VAL B 27 -7.04 -33.93 -19.81
CA VAL B 27 -6.12 -33.19 -20.69
C VAL B 27 -5.73 -34.00 -21.92
N THR B 28 -6.00 -33.46 -23.11
CA THR B 28 -5.60 -34.10 -24.37
C THR B 28 -4.87 -33.13 -25.28
N ARG B 29 -4.05 -33.65 -26.20
CA ARG B 29 -3.29 -32.79 -27.11
C ARG B 29 -3.77 -32.86 -28.57
N LYS B 30 -3.18 -32.02 -29.43
CA LYS B 30 -3.55 -31.93 -30.84
C LYS B 30 -2.42 -32.41 -31.75
N GLU B 39 2.43 -26.05 -25.50
CA GLU B 39 1.14 -25.78 -24.86
C GLU B 39 0.05 -25.38 -25.85
N ASP B 40 -0.09 -26.15 -26.93
CA ASP B 40 -1.30 -26.10 -27.72
C ASP B 40 -2.09 -27.38 -27.45
N VAL B 41 -2.54 -27.50 -26.21
CA VAL B 41 -3.25 -28.67 -25.74
C VAL B 41 -4.71 -28.33 -25.61
N ILE B 42 -5.50 -29.34 -25.25
CA ILE B 42 -6.93 -29.15 -25.06
C ILE B 42 -7.28 -29.42 -23.59
N TYR B 43 -7.99 -28.50 -22.99
CA TYR B 43 -8.40 -28.66 -21.61
C TYR B 43 -9.87 -29.00 -21.57
N HIS B 44 -10.17 -30.13 -20.95
CA HIS B 44 -11.55 -30.49 -20.75
C HIS B 44 -11.94 -30.04 -19.37
N VAL B 45 -12.79 -29.02 -19.31
CA VAL B 45 -13.18 -28.43 -18.03
C VAL B 45 -14.68 -28.57 -17.77
N LYS B 46 -15.06 -28.72 -16.51
CA LYS B 46 -16.46 -28.66 -16.10
C LYS B 46 -16.62 -27.41 -15.26
N TYR B 47 -17.70 -26.68 -15.51
CA TYR B 47 -17.92 -25.41 -14.83
C TYR B 47 -18.55 -25.62 -13.46
N ASP B 48 -18.03 -24.91 -12.47
CA ASP B 48 -18.44 -25.09 -11.07
C ASP B 48 -19.96 -25.09 -10.86
N ASP B 49 -20.63 -24.06 -11.38
CA ASP B 49 -22.06 -23.87 -11.17
C ASP B 49 -22.84 -23.92 -12.48
N TYR B 50 -22.32 -24.68 -13.44
CA TYR B 50 -23.01 -24.89 -14.70
C TYR B 50 -22.99 -26.35 -15.16
N PRO B 51 -23.38 -27.28 -14.26
CA PRO B 51 -23.37 -28.70 -14.61
C PRO B 51 -24.10 -28.98 -15.93
N GLU B 52 -25.09 -28.17 -16.23
CA GLU B 52 -25.90 -28.39 -17.41
C GLU B 52 -25.10 -28.31 -18.69
N ASN B 53 -23.88 -27.80 -18.60
CA ASN B 53 -23.07 -27.63 -19.79
C ASN B 53 -22.07 -28.75 -19.88
N GLY B 54 -22.13 -29.63 -18.88
CA GLY B 54 -21.23 -30.75 -18.82
C GLY B 54 -19.78 -30.37 -19.02
N VAL B 55 -19.07 -31.19 -19.77
CA VAL B 55 -17.64 -31.01 -19.97
C VAL B 55 -17.37 -30.33 -21.29
N VAL B 56 -16.82 -29.13 -21.19
CA VAL B 56 -16.50 -28.35 -22.37
C VAL B 56 -15.03 -28.43 -22.68
N GLN B 57 -14.69 -28.34 -23.96
CA GLN B 57 -13.30 -28.35 -24.38
C GLN B 57 -12.84 -26.92 -24.52
N MET B 58 -11.66 -26.63 -23.99
CA MET B 58 -11.12 -25.28 -24.02
C MET B 58 -9.79 -25.29 -24.74
N ASN B 59 -9.56 -24.26 -25.55
CA ASN B 59 -8.26 -24.04 -26.13
C ASN B 59 -7.35 -23.53 -25.00
N SER B 60 -6.08 -23.86 -25.03
CA SER B 60 -5.21 -23.54 -23.89
C SER B 60 -5.12 -22.06 -23.60
N ARG B 61 -5.30 -21.24 -24.62
CA ARG B 61 -5.17 -19.80 -24.44
C ARG B 61 -6.32 -19.25 -23.64
N ASP B 62 -7.29 -20.11 -23.32
CA ASP B 62 -8.49 -19.68 -22.61
C ASP B 62 -8.63 -20.34 -21.23
N VAL B 63 -7.52 -20.89 -20.74
CA VAL B 63 -7.48 -21.43 -19.40
C VAL B 63 -6.27 -20.89 -18.64
N ARG B 64 -6.49 -20.40 -17.43
CA ARG B 64 -5.37 -20.08 -16.53
C ARG B 64 -5.71 -20.52 -15.12
N ALA B 65 -4.71 -20.50 -14.24
CA ALA B 65 -4.91 -20.78 -12.82
C ALA B 65 -6.00 -19.90 -12.21
N ARG B 66 -6.79 -20.48 -11.30
CA ARG B 66 -7.90 -19.77 -10.69
C ARG B 66 -7.42 -18.56 -9.91
N ALA B 67 -8.11 -17.45 -10.10
CA ALA B 67 -7.76 -16.23 -9.39
C ALA B 67 -7.90 -16.47 -7.89
N ARG B 68 -7.05 -15.84 -7.08
CA ARG B 68 -7.06 -16.07 -5.64
C ARG B 68 -6.67 -14.81 -4.89
N THR B 69 -5.92 -13.94 -5.55
CA THR B 69 -5.32 -12.80 -4.89
C THR B 69 -6.04 -11.51 -5.23
N ILE B 70 -6.51 -10.82 -4.22
CA ILE B 70 -7.16 -9.53 -4.42
C ILE B 70 -6.19 -8.36 -4.33
N ILE B 71 -6.28 -7.45 -5.29
CA ILE B 71 -5.48 -6.26 -5.26
C ILE B 71 -6.27 -5.14 -4.64
N LYS B 72 -5.81 -4.68 -3.47
CA LYS B 72 -6.41 -3.55 -2.76
C LYS B 72 -6.43 -2.26 -3.58
N TRP B 73 -7.44 -1.44 -3.32
CA TRP B 73 -7.58 -0.15 -3.97
C TRP B 73 -6.25 0.62 -3.98
N GLN B 74 -5.58 0.67 -2.83
CA GLN B 74 -4.31 1.39 -2.72
C GLN B 74 -3.17 0.83 -3.56
N ASP B 75 -3.29 -0.41 -4.01
CA ASP B 75 -2.20 -1.03 -4.74
C ASP B 75 -2.49 -1.01 -6.23
N LEU B 76 -3.68 -0.53 -6.59
CA LEU B 76 -4.08 -0.45 -7.99
C LEU B 76 -3.39 0.68 -8.73
N GLU B 77 -2.57 0.32 -9.71
CA GLU B 77 -1.85 1.30 -10.51
C GLU B 77 -2.47 1.40 -11.89
N VAL B 78 -2.57 2.62 -12.40
CA VAL B 78 -2.99 2.80 -13.77
C VAL B 78 -2.06 2.02 -14.69
N GLY B 79 -2.62 1.42 -15.74
CA GLY B 79 -1.83 0.69 -16.72
C GLY B 79 -1.73 -0.78 -16.37
N GLN B 80 -2.20 -1.12 -15.18
CA GLN B 80 -2.10 -2.47 -14.66
C GLN B 80 -3.23 -3.30 -15.26
N VAL B 81 -2.94 -4.53 -15.64
CA VAL B 81 -3.94 -5.40 -16.26
C VAL B 81 -4.47 -6.45 -15.27
N VAL B 82 -5.76 -6.35 -14.96
CA VAL B 82 -6.33 -7.15 -13.89
C VAL B 82 -7.60 -7.89 -14.32
N MET B 83 -8.17 -8.66 -13.41
CA MET B 83 -9.48 -9.25 -13.64
C MET B 83 -10.49 -8.67 -12.66
N LEU B 84 -11.53 -8.01 -13.17
CA LEU B 84 -12.54 -7.37 -12.33
C LEU B 84 -13.93 -7.66 -12.84
N ASN B 85 -14.92 -7.15 -12.12
CA ASN B 85 -16.32 -7.44 -12.41
C ASN B 85 -17.06 -6.29 -13.08
N TYR B 86 -17.74 -6.57 -14.20
CA TYR B 86 -18.43 -5.53 -14.95
C TYR B 86 -19.62 -6.13 -15.68
N ASN B 87 -20.68 -5.34 -15.82
CA ASN B 87 -21.89 -5.78 -16.49
C ASN B 87 -22.23 -4.85 -17.64
N PRO B 88 -21.69 -5.13 -18.84
CA PRO B 88 -21.76 -4.19 -19.98
C PRO B 88 -23.19 -3.82 -20.40
N ASP B 89 -24.18 -4.63 -20.03
CA ASP B 89 -25.57 -4.29 -20.34
C ASP B 89 -26.19 -3.48 -19.21
N ASN B 90 -25.64 -3.63 -18.00
CA ASN B 90 -26.12 -2.91 -16.84
C ASN B 90 -24.98 -2.40 -15.97
N PRO B 91 -24.24 -1.41 -16.46
CA PRO B 91 -22.98 -1.01 -15.80
C PRO B 91 -23.11 -0.64 -14.33
N LYS B 92 -24.32 -0.46 -13.83
CA LYS B 92 -24.46 -0.09 -12.43
C LYS B 92 -24.66 -1.33 -11.59
N GLU B 93 -24.74 -2.48 -12.25
CA GLU B 93 -25.04 -3.76 -11.58
C GLU B 93 -23.85 -4.70 -11.59
N ARG B 94 -23.88 -5.74 -10.76
CA ARG B 94 -22.83 -6.74 -10.82
C ARG B 94 -22.98 -7.55 -12.11
N GLY B 95 -21.85 -8.02 -12.65
CA GLY B 95 -21.87 -8.77 -13.89
C GLY B 95 -20.95 -9.96 -13.85
N PHE B 96 -20.04 -10.02 -14.82
CA PHE B 96 -19.12 -11.15 -14.90
C PHE B 96 -17.69 -10.70 -14.77
N TRP B 97 -16.77 -11.62 -15.01
CA TRP B 97 -15.38 -11.34 -14.76
C TRP B 97 -14.61 -11.19 -16.06
N TYR B 98 -14.08 -9.99 -16.27
CA TYR B 98 -13.37 -9.67 -17.49
C TYR B 98 -11.99 -9.19 -17.17
N ASP B 99 -11.09 -9.30 -18.14
CA ASP B 99 -9.79 -8.66 -18.04
C ASP B 99 -9.89 -7.21 -18.44
N ALA B 100 -9.20 -6.34 -17.71
CA ALA B 100 -9.22 -4.91 -17.99
C ALA B 100 -7.88 -4.27 -17.68
N GLU B 101 -7.52 -3.27 -18.46
CA GLU B 101 -6.40 -2.40 -18.11
C GLU B 101 -6.94 -1.17 -17.40
N ILE B 102 -6.46 -0.95 -16.19
CA ILE B 102 -6.87 0.19 -15.39
C ILE B 102 -6.38 1.48 -16.02
N SER B 103 -7.29 2.42 -16.21
CA SER B 103 -7.02 3.63 -16.98
C SER B 103 -6.97 4.93 -16.16
N ARG B 104 -7.71 4.99 -15.04
CA ARG B 104 -7.79 6.19 -14.27
C ARG B 104 -8.37 5.93 -12.89
N LYS B 105 -7.80 6.57 -11.87
CA LYS B 105 -8.36 6.53 -10.51
C LYS B 105 -8.57 7.92 -9.99
N ARG B 106 -9.67 8.10 -9.27
CA ARG B 106 -10.01 9.40 -8.72
C ARG B 106 -10.60 9.14 -7.36
N GLU B 107 -10.02 9.73 -6.33
CA GLU B 107 -10.53 9.59 -4.98
C GLU B 107 -10.94 10.95 -4.46
N THR B 108 -12.18 11.05 -3.99
CA THR B 108 -12.71 12.27 -3.41
C THR B 108 -13.23 11.91 -2.04
N ARG B 109 -13.96 12.83 -1.43
CA ARG B 109 -14.42 12.63 -0.07
C ARG B 109 -15.55 11.63 -0.05
N THR B 110 -16.21 11.47 -1.19
CA THR B 110 -17.40 10.61 -1.23
C THR B 110 -17.22 9.28 -1.95
N ALA B 111 -16.30 9.21 -2.90
CA ALA B 111 -16.18 8.02 -3.71
C ALA B 111 -14.75 7.64 -4.09
N ARG B 112 -14.51 6.35 -4.27
CA ARG B 112 -13.31 5.87 -4.95
C ARG B 112 -13.69 5.44 -6.35
N GLU B 113 -13.11 6.10 -7.33
CA GLU B 113 -13.57 5.96 -8.70
C GLU B 113 -12.57 5.21 -9.52
N LEU B 114 -12.96 4.02 -9.98
CA LEU B 114 -12.06 3.18 -10.75
C LEU B 114 -12.53 3.11 -12.18
N TYR B 115 -11.63 3.42 -13.12
CA TYR B 115 -11.97 3.37 -14.54
C TYR B 115 -10.99 2.46 -15.25
N ALA B 116 -11.51 1.59 -16.12
CA ALA B 116 -10.64 0.69 -16.86
C ALA B 116 -11.21 0.34 -18.23
N ASN B 117 -10.32 -0.10 -19.12
CA ASN B 117 -10.73 -0.63 -20.41
C ASN B 117 -11.03 -2.12 -20.34
N VAL B 118 -12.31 -2.47 -20.21
CA VAL B 118 -12.75 -3.87 -20.17
C VAL B 118 -12.63 -4.58 -21.52
N VAL B 119 -12.00 -5.75 -21.52
CA VAL B 119 -11.81 -6.52 -22.74
C VAL B 119 -12.89 -7.57 -22.91
N LEU B 120 -13.73 -7.40 -23.93
CA LEU B 120 -14.84 -8.32 -24.19
C LEU B 120 -14.48 -9.39 -25.22
N GLY B 121 -15.52 -9.95 -25.85
CA GLY B 121 -15.38 -11.01 -26.83
C GLY B 121 -14.42 -10.72 -27.96
N ASP B 122 -14.66 -9.63 -28.68
CA ASP B 122 -13.77 -9.20 -29.77
C ASP B 122 -13.14 -7.82 -29.53
N ASP B 123 -13.98 -6.78 -29.48
CA ASP B 123 -13.49 -5.43 -29.23
C ASP B 123 -13.28 -5.14 -27.73
N SER B 124 -12.69 -3.99 -27.43
CA SER B 124 -12.58 -3.55 -26.05
C SER B 124 -13.60 -2.45 -25.76
N LEU B 125 -13.75 -2.11 -24.49
CA LEU B 125 -14.81 -1.23 -24.06
C LEU B 125 -14.23 -0.11 -23.18
N ASN B 126 -13.67 0.90 -23.84
CA ASN B 126 -12.88 1.92 -23.15
C ASN B 126 -13.58 2.78 -22.09
N ASP B 127 -12.90 3.00 -20.97
CA ASP B 127 -13.29 3.94 -19.93
C ASP B 127 -14.48 3.52 -19.11
N CYS B 128 -14.63 2.24 -18.87
CA CYS B 128 -15.72 1.76 -18.04
C CYS B 128 -15.53 2.16 -16.58
N ARG B 129 -16.64 2.52 -15.94
CA ARG B 129 -16.59 2.86 -14.53
C ARG B 129 -16.85 1.61 -13.71
N ILE B 130 -15.75 1.02 -13.22
CA ILE B 130 -15.79 -0.17 -12.38
C ILE B 130 -16.39 0.05 -10.99
N ILE B 131 -17.43 -0.71 -10.68
CA ILE B 131 -18.16 -0.49 -9.44
C ILE B 131 -17.59 -1.23 -8.25
N PHE B 132 -16.93 -2.36 -8.50
CA PHE B 132 -16.50 -3.22 -7.40
C PHE B 132 -14.99 -3.13 -7.17
N VAL B 133 -14.61 -2.06 -6.49
CA VAL B 133 -13.21 -1.64 -6.37
C VAL B 133 -12.47 -2.52 -5.38
N ASP B 134 -13.22 -3.12 -4.47
CA ASP B 134 -12.62 -4.02 -3.49
C ASP B 134 -12.63 -5.49 -3.90
N GLU B 135 -12.90 -5.75 -5.18
CA GLU B 135 -12.92 -7.10 -5.73
C GLU B 135 -12.16 -7.18 -7.01
N VAL B 136 -10.96 -6.60 -7.05
CA VAL B 136 -10.10 -6.71 -8.23
C VAL B 136 -9.07 -7.82 -8.05
N PHE B 137 -9.00 -8.72 -9.02
CA PHE B 137 -8.13 -9.88 -8.89
C PHE B 137 -6.84 -9.70 -9.69
N LYS B 138 -5.77 -10.19 -9.13
CA LYS B 138 -4.53 -10.26 -9.84
C LYS B 138 -4.72 -11.44 -10.78
N ILE B 139 -4.19 -11.31 -11.98
CA ILE B 139 -4.25 -12.42 -12.90
C ILE B 139 -3.02 -13.26 -12.64
N GLU B 140 -3.23 -14.54 -12.30
CA GLU B 140 -2.10 -15.44 -12.05
C GLU B 140 -1.27 -15.58 -13.29
N ARG B 141 0.04 -15.48 -13.12
CA ARG B 141 0.97 -15.63 -14.23
C ARG B 141 1.44 -17.08 -14.37
N PRO B 142 1.54 -17.57 -15.60
CA PRO B 142 2.02 -18.93 -15.90
C PRO B 142 3.38 -19.21 -15.29
N GLY B 143 3.54 -20.40 -14.69
CA GLY B 143 4.81 -20.79 -14.12
C GLY B 143 4.99 -20.27 -12.70
N GLU B 144 4.85 -18.96 -12.54
CA GLU B 144 4.87 -18.34 -11.22
C GLU B 144 3.64 -18.80 -10.44
N GLY B 145 3.71 -18.73 -9.11
CA GLY B 145 2.57 -19.06 -8.28
C GLY B 145 2.25 -20.54 -8.24
N SER B 146 1.53 -20.96 -7.21
CA SER B 146 1.18 -22.37 -7.02
C SER B 146 -0.10 -22.76 -7.76
N PRO B 147 -0.33 -24.07 -7.93
CA PRO B 147 -1.59 -24.54 -8.52
C PRO B 147 -2.65 -24.68 -7.45
N MET B 148 -3.87 -24.29 -7.80
CA MET B 148 -4.98 -24.38 -6.88
C MET B 148 -5.57 -25.78 -6.92
N VAL B 149 -5.37 -26.55 -5.85
CA VAL B 149 -5.85 -27.92 -5.86
C VAL B 149 -6.94 -28.12 -4.84
N ASP B 150 -6.98 -27.27 -3.82
CA ASP B 150 -8.01 -27.37 -2.80
C ASP B 150 -9.21 -26.50 -3.21
N ASN B 151 -10.43 -26.97 -2.94
CA ASN B 151 -11.65 -26.22 -3.30
C ASN B 151 -11.74 -24.80 -2.70
N PRO B 152 -11.74 -23.77 -3.57
CA PRO B 152 -11.61 -22.37 -3.15
C PRO B 152 -12.96 -21.72 -2.87
N MET B 153 -12.90 -20.52 -2.30
CA MET B 153 -14.10 -19.73 -2.12
C MET B 153 -14.61 -19.25 -3.49
N ARG B 154 -15.88 -18.89 -3.56
CA ARG B 154 -16.49 -18.51 -4.82
C ARG B 154 -16.51 -17.01 -5.01
N ARG B 155 -16.18 -16.57 -6.23
CA ARG B 155 -16.42 -15.18 -6.60
C ARG B 155 -17.92 -14.98 -6.67
N LYS B 156 -18.36 -13.73 -6.47
CA LYS B 156 -19.78 -13.43 -6.63
C LYS B 156 -20.02 -12.95 -8.05
N SER B 157 -20.97 -13.59 -8.74
CA SER B 157 -21.30 -13.17 -10.10
C SER B 157 -22.76 -12.80 -10.21
N GLY B 158 -23.08 -11.94 -11.16
CA GLY B 158 -24.36 -11.27 -11.16
C GLY B 158 -25.41 -11.82 -12.10
N PRO B 159 -26.48 -11.03 -12.31
CA PRO B 159 -26.56 -9.75 -11.58
C PRO B 159 -26.94 -9.99 -10.13
N SER B 160 -27.66 -9.04 -9.54
CA SER B 160 -28.20 -9.25 -8.19
C SER B 160 -29.63 -8.72 -8.12
N CYS B 161 -30.35 -9.12 -7.07
CA CYS B 161 -31.73 -8.72 -6.92
C CYS B 161 -31.90 -7.75 -5.75
N LYS B 162 -32.48 -6.59 -6.04
CA LYS B 162 -32.71 -5.58 -5.01
C LYS B 162 -33.94 -5.92 -4.13
N HIS B 163 -34.83 -6.76 -4.65
CA HIS B 163 -36.05 -7.12 -3.91
C HIS B 163 -35.81 -8.24 -2.89
N CYS B 164 -35.05 -9.26 -3.27
CA CYS B 164 -34.81 -10.39 -2.37
C CYS B 164 -33.38 -10.45 -1.83
N LYS B 165 -32.51 -9.62 -2.42
CA LYS B 165 -31.10 -9.52 -2.01
C LYS B 165 -30.32 -10.84 -2.11
N ASP B 166 -30.70 -11.67 -3.09
CA ASP B 166 -29.99 -12.91 -3.43
C ASP B 166 -29.89 -13.91 -2.28
N ASP B 167 -30.62 -13.63 -1.20
CA ASP B 167 -30.88 -14.62 -0.17
C ASP B 167 -31.66 -15.71 -0.88
N VAL B 168 -31.02 -16.85 -1.10
CA VAL B 168 -31.61 -17.89 -1.94
C VAL B 168 -32.84 -18.54 -1.28
N ASN B 169 -32.98 -18.35 0.02
CA ASN B 169 -34.13 -18.89 0.74
C ASN B 169 -35.43 -18.07 0.57
N ARG B 170 -35.33 -16.74 0.65
CA ARG B 170 -36.46 -15.89 0.35
C ARG B 170 -37.04 -16.31 -0.99
N LEU B 171 -38.35 -16.17 -1.14
CA LEU B 171 -39.00 -16.40 -2.43
C LEU B 171 -39.20 -15.06 -3.13
N CYS B 172 -38.65 -14.93 -4.34
CA CYS B 172 -38.68 -13.67 -5.07
C CYS B 172 -39.50 -13.76 -6.36
N ARG B 173 -40.48 -12.88 -6.51
CA ARG B 173 -41.32 -12.85 -7.70
C ARG B 173 -40.61 -12.12 -8.85
N VAL B 174 -39.66 -11.27 -8.51
CA VAL B 174 -38.96 -10.44 -9.49
C VAL B 174 -37.78 -11.18 -10.11
N CYS B 175 -37.30 -12.21 -9.42
CA CYS B 175 -36.11 -12.94 -9.85
C CYS B 175 -36.28 -14.48 -9.88
N ALA B 176 -37.36 -14.96 -9.27
CA ALA B 176 -37.69 -16.39 -9.36
C ALA B 176 -38.95 -16.56 -10.23
N CYS B 177 -39.85 -17.46 -9.83
CA CYS B 177 -41.11 -17.58 -10.55
C CYS B 177 -42.03 -16.42 -10.18
N HIS B 178 -42.50 -15.70 -11.20
CA HIS B 178 -43.29 -14.49 -11.01
C HIS B 178 -44.76 -14.81 -10.69
N LEU B 179 -45.10 -16.10 -10.68
CA LEU B 179 -46.45 -16.55 -10.38
C LEU B 179 -46.60 -17.17 -8.97
N CYS B 180 -45.52 -17.74 -8.45
CA CYS B 180 -45.54 -18.31 -7.09
C CYS B 180 -44.47 -17.72 -6.18
N GLY B 181 -43.21 -17.88 -6.57
CA GLY B 181 -42.09 -17.38 -5.79
C GLY B 181 -41.02 -18.44 -5.58
N GLY B 182 -41.43 -19.69 -5.68
CA GLY B 182 -40.49 -20.81 -5.56
C GLY B 182 -39.45 -20.78 -6.65
N ARG B 183 -38.54 -21.76 -6.64
CA ARG B 183 -37.43 -21.77 -7.60
C ARG B 183 -36.68 -23.10 -7.67
N GLN B 184 -37.17 -24.13 -6.96
CA GLN B 184 -36.59 -25.46 -7.09
C GLN B 184 -37.03 -26.05 -8.43
N ASP B 185 -36.06 -26.52 -9.22
CA ASP B 185 -36.29 -26.93 -10.60
C ASP B 185 -36.44 -25.72 -11.53
N PRO B 186 -35.34 -25.00 -11.78
CA PRO B 186 -35.34 -23.84 -12.68
C PRO B 186 -35.44 -24.29 -14.12
N ASP B 187 -34.95 -25.49 -14.42
CA ASP B 187 -34.88 -26.00 -15.78
C ASP B 187 -36.14 -25.67 -16.58
N LYS B 188 -37.28 -25.64 -15.88
CA LYS B 188 -38.57 -25.44 -16.51
C LYS B 188 -39.23 -24.12 -16.08
N GLN B 189 -38.43 -23.12 -15.77
CA GLN B 189 -38.94 -21.76 -15.55
C GLN B 189 -38.74 -20.87 -16.80
N LEU B 190 -39.77 -20.82 -17.65
CA LEU B 190 -39.73 -20.08 -18.91
C LEU B 190 -39.84 -18.58 -18.67
N MET B 191 -39.41 -17.78 -19.63
CA MET B 191 -39.32 -16.33 -19.43
C MET B 191 -39.91 -15.48 -20.56
N CYS B 192 -40.62 -14.43 -20.16
CA CYS B 192 -41.19 -13.48 -21.12
C CYS B 192 -40.08 -12.95 -22.03
N ASP B 193 -40.47 -12.51 -23.23
CA ASP B 193 -39.59 -11.69 -24.08
C ASP B 193 -40.14 -10.26 -24.12
N GLU B 194 -41.01 -9.96 -23.17
CA GLU B 194 -41.50 -8.60 -22.97
C GLU B 194 -41.09 -8.09 -21.59
N CYS B 195 -41.49 -8.81 -20.55
CA CYS B 195 -41.18 -8.41 -19.17
C CYS B 195 -40.02 -9.18 -18.55
N ASP B 196 -39.49 -10.17 -19.26
CA ASP B 196 -38.31 -10.90 -18.81
C ASP B 196 -38.52 -11.53 -17.42
N MET B 197 -39.76 -11.91 -17.13
CA MET B 197 -40.11 -12.54 -15.85
C MET B 197 -40.12 -14.07 -15.96
N ALA B 198 -39.92 -14.75 -14.83
CA ALA B 198 -39.81 -16.20 -14.85
C ALA B 198 -41.09 -16.92 -14.45
N PHE B 199 -41.53 -17.86 -15.30
CA PHE B 199 -42.76 -18.62 -15.07
C PHE B 199 -42.51 -20.12 -15.14
N HIS B 200 -42.64 -20.81 -14.00
CA HIS B 200 -42.66 -22.26 -14.00
C HIS B 200 -43.66 -22.71 -15.08
N ILE B 201 -43.28 -23.64 -15.93
CA ILE B 201 -44.22 -24.11 -16.95
C ILE B 201 -45.48 -24.67 -16.30
N TYR B 202 -45.33 -25.12 -15.06
CA TYR B 202 -46.46 -25.68 -14.30
C TYR B 202 -47.13 -24.67 -13.37
N CYS B 203 -47.38 -23.46 -13.87
CA CYS B 203 -48.08 -22.44 -13.09
C CYS B 203 -49.21 -21.81 -13.89
N PRO B 207 -51.11 -23.50 -18.41
CA PRO B 207 -50.71 -24.88 -18.08
C PRO B 207 -50.05 -25.58 -19.27
N LEU B 208 -48.73 -25.49 -19.39
CA LEU B 208 -48.01 -26.01 -20.57
C LEU B 208 -47.29 -27.35 -20.35
N SER B 209 -47.00 -28.03 -21.46
CA SER B 209 -46.45 -29.39 -21.44
C SER B 209 -44.93 -29.43 -21.30
N SER B 210 -44.25 -29.10 -22.40
CA SER B 210 -42.78 -29.09 -22.44
C SER B 210 -42.27 -27.67 -22.49
N VAL B 211 -41.15 -27.47 -23.18
CA VAL B 211 -40.64 -26.13 -23.43
C VAL B 211 -41.07 -25.73 -24.83
N PRO B 212 -41.81 -24.62 -24.94
CA PRO B 212 -42.23 -24.11 -26.26
C PRO B 212 -41.07 -24.10 -27.25
N SER B 213 -41.19 -24.86 -28.33
CA SER B 213 -40.16 -24.88 -29.37
C SER B 213 -40.19 -23.58 -30.18
N GLU B 214 -41.31 -22.87 -30.13
CA GLU B 214 -41.39 -21.53 -30.69
C GLU B 214 -40.40 -20.64 -29.95
N ASP B 215 -39.50 -20.00 -30.69
CA ASP B 215 -38.39 -19.28 -30.08
C ASP B 215 -38.77 -18.18 -29.06
N GLU B 216 -40.04 -17.75 -29.07
CA GLU B 216 -40.51 -16.69 -28.17
C GLU B 216 -41.69 -17.11 -27.27
N TRP B 217 -41.85 -16.44 -26.13
CA TRP B 217 -42.98 -16.69 -25.23
C TRP B 217 -43.51 -15.40 -24.59
N TYR B 218 -44.73 -15.48 -24.03
CA TYR B 218 -45.35 -14.34 -23.34
C TYR B 218 -46.39 -14.77 -22.29
N CYS B 219 -46.42 -14.05 -21.16
CA CYS B 219 -47.40 -14.29 -20.10
C CYS B 219 -48.70 -13.52 -20.37
N PRO B 220 -49.67 -13.58 -19.43
CA PRO B 220 -50.91 -12.81 -19.60
C PRO B 220 -50.70 -11.36 -20.07
N GLU B 221 -50.29 -10.49 -19.14
CA GLU B 221 -50.03 -9.07 -19.45
C GLU B 221 -49.77 -8.85 -20.94
N CYS B 222 -48.57 -9.24 -21.37
CA CYS B 222 -48.12 -9.06 -22.75
C CYS B 222 -49.09 -9.70 -23.75
N SER C 1 15.47 -13.45 14.33
CA SER C 1 16.71 -12.93 13.78
C SER C 1 16.97 -11.51 14.25
N LEU C 2 18.05 -10.91 13.76
CA LEU C 2 18.35 -9.52 14.08
C LEU C 2 17.31 -8.60 13.48
N TYR C 3 17.06 -8.81 12.19
CA TYR C 3 16.16 -7.96 11.43
C TYR C 3 14.85 -8.66 11.11
N LYS C 4 13.75 -7.98 11.38
CA LYS C 4 12.43 -8.55 11.20
C LYS C 4 11.83 -8.24 9.82
N VAL C 5 10.81 -9.00 9.44
CA VAL C 5 10.05 -8.69 8.24
C VAL C 5 9.49 -7.28 8.35
N ASN C 6 9.41 -6.58 7.23
CA ASN C 6 8.86 -5.22 7.16
C ASN C 6 9.78 -4.16 7.70
N GLU C 7 10.93 -4.58 8.22
CA GLU C 7 11.90 -3.65 8.75
C GLU C 7 12.70 -3.06 7.61
N TYR C 8 13.01 -1.77 7.71
CA TYR C 8 13.72 -1.10 6.63
C TYR C 8 15.21 -1.23 6.88
N VAL C 9 15.95 -1.53 5.84
CA VAL C 9 17.33 -1.90 6.02
C VAL C 9 18.12 -1.43 4.83
N ASP C 10 19.44 -1.58 4.89
CA ASP C 10 20.26 -1.34 3.72
C ASP C 10 20.82 -2.70 3.37
N ALA C 11 20.80 -3.03 2.08
CA ALA C 11 21.31 -4.30 1.60
C ALA C 11 22.49 -4.03 0.67
N ARG C 12 23.60 -4.73 0.90
CA ARG C 12 24.81 -4.52 0.12
C ARG C 12 24.87 -5.40 -1.11
N ASP C 13 25.12 -4.79 -2.26
CA ASP C 13 25.31 -5.53 -3.50
C ASP C 13 26.75 -6.01 -3.52
N THR C 14 26.92 -7.32 -3.51
CA THR C 14 28.26 -7.91 -3.36
C THR C 14 29.22 -7.67 -4.52
N ASN C 15 28.70 -7.34 -5.69
CA ASN C 15 29.55 -7.01 -6.84
C ASN C 15 30.26 -5.69 -6.67
N MET C 16 29.47 -4.64 -6.40
CA MET C 16 29.98 -3.28 -6.36
C MET C 16 30.27 -2.75 -4.96
N GLY C 17 29.82 -3.47 -3.95
CA GLY C 17 30.10 -3.10 -2.57
C GLY C 17 29.16 -2.06 -2.01
N ALA C 18 28.38 -1.44 -2.90
CA ALA C 18 27.45 -0.38 -2.50
C ALA C 18 26.31 -0.91 -1.65
N TRP C 19 25.78 -0.06 -0.78
CA TRP C 19 24.59 -0.43 0.00
C TRP C 19 23.37 0.22 -0.61
N PHE C 20 22.25 -0.49 -0.57
CA PHE C 20 21.01 -0.02 -1.19
C PHE C 20 19.83 -0.03 -0.25
N GLU C 21 18.96 0.94 -0.38
CA GLU C 21 17.83 1.01 0.52
C GLU C 21 16.88 -0.10 0.12
N ALA C 22 16.47 -0.90 1.09
CA ALA C 22 15.67 -2.10 0.82
C ALA C 22 14.80 -2.37 1.99
N GLN C 23 13.99 -3.41 1.88
CA GLN C 23 13.06 -3.74 2.94
C GLN C 23 12.86 -5.26 3.07
N VAL C 24 12.71 -5.72 4.29
CA VAL C 24 12.66 -7.15 4.54
C VAL C 24 11.27 -7.70 4.27
N VAL C 25 11.22 -8.69 3.39
CA VAL C 25 9.97 -9.31 2.99
C VAL C 25 9.74 -10.65 3.68
N ARG C 26 10.78 -11.48 3.75
CA ARG C 26 10.68 -12.78 4.39
C ARG C 26 12.01 -13.21 5.00
N VAL C 27 11.96 -13.94 6.11
CA VAL C 27 13.17 -14.45 6.77
C VAL C 27 13.23 -15.98 6.81
N THR C 28 14.28 -16.55 6.22
CA THR C 28 14.50 -18.00 6.28
C THR C 28 15.93 -18.33 6.74
N ARG C 29 16.12 -19.52 7.32
CA ARG C 29 17.43 -19.95 7.80
C ARG C 29 18.10 -21.02 6.92
N LYS C 30 19.40 -21.22 7.14
CA LYS C 30 20.21 -22.18 6.38
C LYS C 30 20.45 -23.47 7.18
N GLU C 38 21.75 -18.85 15.49
CA GLU C 38 22.92 -18.14 14.94
C GLU C 38 22.54 -17.31 13.71
N GLU C 39 23.11 -16.10 13.62
CA GLU C 39 22.78 -15.19 12.52
C GLU C 39 23.42 -15.51 11.20
N ASP C 40 23.36 -16.78 10.79
CA ASP C 40 23.64 -17.13 9.40
C ASP C 40 22.31 -17.46 8.75
N VAL C 41 21.47 -16.43 8.65
CA VAL C 41 20.13 -16.56 8.11
C VAL C 41 20.10 -15.98 6.71
N ILE C 42 18.96 -16.12 6.06
CA ILE C 42 18.74 -15.54 4.75
C ILE C 42 17.67 -14.45 4.79
N TYR C 43 18.02 -13.26 4.30
CA TYR C 43 17.07 -12.16 4.26
C TYR C 43 16.53 -11.99 2.85
N HIS C 44 15.21 -12.08 2.75
CA HIS C 44 14.55 -11.84 1.49
C HIS C 44 14.11 -10.38 1.44
N VAL C 45 14.81 -9.58 0.64
CA VAL C 45 14.56 -8.14 0.58
C VAL C 45 14.04 -7.71 -0.78
N LYS C 46 13.16 -6.70 -0.80
CA LYS C 46 12.80 -6.02 -2.04
C LYS C 46 13.37 -4.63 -2.00
N TYR C 47 13.98 -4.21 -3.10
CA TYR C 47 14.60 -2.90 -3.16
C TYR C 47 13.60 -1.77 -3.41
N ASP C 48 13.74 -0.69 -2.65
CA ASP C 48 12.78 0.42 -2.66
C ASP C 48 12.44 0.90 -4.10
N ASP C 49 13.47 1.19 -4.88
CA ASP C 49 13.27 1.76 -6.21
C ASP C 49 13.83 0.85 -7.30
N TYR C 50 13.76 -0.46 -7.06
CA TYR C 50 14.14 -1.44 -8.07
C TYR C 50 13.17 -2.62 -8.14
N PRO C 51 11.86 -2.34 -8.24
CA PRO C 51 10.86 -3.42 -8.28
C PRO C 51 11.19 -4.47 -9.32
N GLU C 52 11.86 -4.06 -10.40
CA GLU C 52 12.18 -4.94 -11.50
C GLU C 52 13.09 -6.09 -11.06
N ASN C 53 13.67 -5.98 -9.87
CA ASN C 53 14.58 -7.01 -9.39
C ASN C 53 13.86 -7.93 -8.43
N GLY C 54 12.58 -7.64 -8.22
CA GLY C 54 11.75 -8.45 -7.35
C GLY C 54 12.40 -8.66 -6.01
N VAL C 55 12.20 -9.86 -5.48
CA VAL C 55 12.70 -10.22 -4.16
C VAL C 55 14.03 -10.95 -4.26
N VAL C 56 15.08 -10.33 -3.73
CA VAL C 56 16.41 -10.90 -3.77
C VAL C 56 16.77 -11.53 -2.43
N GLN C 57 17.58 -12.57 -2.45
CA GLN C 57 18.01 -13.20 -1.22
C GLN C 57 19.33 -12.62 -0.84
N MET C 58 19.48 -12.27 0.44
CA MET C 58 20.69 -11.65 0.93
C MET C 58 21.32 -12.51 2.02
N ASN C 59 22.65 -12.62 1.98
CA ASN C 59 23.37 -13.23 3.08
C ASN C 59 23.33 -12.23 4.24
N SER C 60 23.24 -12.71 5.47
CA SER C 60 23.07 -11.81 6.61
C SER C 60 24.18 -10.77 6.76
N ARG C 61 25.38 -11.09 6.32
CA ARG C 61 26.49 -10.17 6.45
C ARG C 61 26.30 -8.96 5.56
N ASP C 62 25.27 -9.01 4.71
CA ASP C 62 25.05 -7.96 3.74
C ASP C 62 23.75 -7.17 3.99
N VAL C 63 23.20 -7.30 5.19
CA VAL C 63 22.04 -6.55 5.59
C VAL C 63 22.27 -5.90 6.95
N ARG C 64 22.02 -4.60 7.06
CA ARG C 64 21.99 -3.93 8.35
C ARG C 64 20.81 -2.97 8.42
N ALA C 65 20.52 -2.47 9.62
CA ALA C 65 19.47 -1.49 9.80
C ALA C 65 19.70 -0.28 8.90
N ARG C 66 18.61 0.32 8.42
CA ARG C 66 18.69 1.47 7.53
C ARG C 66 19.37 2.66 8.17
N ALA C 67 20.31 3.25 7.45
CA ALA C 67 20.99 4.45 7.92
C ALA C 67 19.95 5.54 8.19
N ARG C 68 20.18 6.33 9.22
CA ARG C 68 19.24 7.36 9.60
C ARG C 68 19.96 8.59 10.14
N THR C 69 21.16 8.40 10.65
CA THR C 69 21.82 9.44 11.41
C THR C 69 22.95 10.04 10.63
N ILE C 70 22.90 11.35 10.44
CA ILE C 70 23.95 12.05 9.74
C ILE C 70 25.03 12.53 10.70
N ILE C 71 26.29 12.37 10.28
CA ILE C 71 27.40 12.84 11.06
C ILE C 71 27.88 14.12 10.44
N LYS C 72 27.75 15.21 11.20
CA LYS C 72 28.16 16.55 10.76
C LYS C 72 29.64 16.59 10.48
N TRP C 73 30.04 17.46 9.55
CA TRP C 73 31.45 17.69 9.24
C TRP C 73 32.31 17.84 10.50
N GLN C 74 31.84 18.64 11.46
CA GLN C 74 32.59 18.88 12.70
C GLN C 74 32.76 17.65 13.59
N ASP C 75 31.93 16.64 13.39
CA ASP C 75 31.99 15.46 14.25
C ASP C 75 32.76 14.33 13.57
N LEU C 76 33.18 14.58 12.34
CA LEU C 76 33.92 13.58 11.56
C LEU C 76 35.36 13.49 12.01
N GLU C 77 35.72 12.34 12.57
CA GLU C 77 37.10 12.09 13.00
C GLU C 77 37.79 11.17 12.01
N VAL C 78 39.05 11.46 11.73
CA VAL C 78 39.86 10.53 10.95
C VAL C 78 39.91 9.15 11.61
N GLY C 79 39.93 8.10 10.80
CA GLY C 79 39.93 6.75 11.31
C GLY C 79 38.53 6.20 11.57
N GLN C 80 37.53 7.07 11.49
CA GLN C 80 36.15 6.70 11.71
C GLN C 80 35.60 5.98 10.49
N VAL C 81 34.82 4.91 10.69
CA VAL C 81 34.24 4.15 9.57
C VAL C 81 32.77 4.45 9.33
N VAL C 82 32.48 5.03 8.17
CA VAL C 82 31.16 5.60 7.92
C VAL C 82 30.56 5.11 6.60
N MET C 83 29.33 5.53 6.32
CA MET C 83 28.73 5.30 5.00
C MET C 83 28.52 6.63 4.27
N LEU C 84 29.16 6.77 3.11
CA LEU C 84 29.10 8.02 2.37
C LEU C 84 28.91 7.75 0.91
N ASN C 85 28.79 8.82 0.12
CA ASN C 85 28.47 8.72 -1.29
C ASN C 85 29.68 9.00 -2.20
N TYR C 86 29.92 8.10 -3.14
CA TYR C 86 31.05 8.23 -4.05
C TYR C 86 30.75 7.55 -5.39
N ASN C 87 31.30 8.12 -6.46
CA ASN C 87 31.10 7.59 -7.79
C ASN C 87 32.45 7.25 -8.44
N PRO C 88 32.91 6.00 -8.27
CA PRO C 88 34.28 5.65 -8.65
C PRO C 88 34.58 5.84 -10.13
N ASP C 89 33.55 5.87 -10.96
CA ASP C 89 33.77 6.10 -12.39
C ASP C 89 33.75 7.60 -12.71
N ASN C 90 33.10 8.36 -11.85
CA ASN C 90 32.99 9.81 -12.01
C ASN C 90 33.12 10.55 -10.69
N PRO C 91 34.33 10.54 -10.11
CA PRO C 91 34.54 11.04 -8.74
C PRO C 91 34.01 12.44 -8.48
N LYS C 92 33.75 13.23 -9.52
CA LYS C 92 33.24 14.58 -9.29
C LYS C 92 31.71 14.61 -9.25
N GLU C 93 31.08 13.46 -9.46
CA GLU C 93 29.62 13.35 -9.53
C GLU C 93 29.05 12.56 -8.37
N ARG C 94 27.75 12.65 -8.17
CA ARG C 94 27.11 11.80 -7.17
C ARG C 94 27.13 10.34 -7.63
N GLY C 95 27.22 9.42 -6.70
CA GLY C 95 27.26 8.00 -7.03
C GLY C 95 26.41 7.18 -6.09
N PHE C 96 27.01 6.16 -5.49
CA PHE C 96 26.27 5.27 -4.62
C PHE C 96 26.82 5.32 -3.21
N TRP C 97 26.30 4.46 -2.36
CA TRP C 97 26.64 4.51 -0.95
C TRP C 97 27.59 3.38 -0.57
N TYR C 98 28.78 3.78 -0.16
CA TYR C 98 29.82 2.81 0.21
C TYR C 98 30.29 3.05 1.64
N ASP C 99 30.85 2.02 2.24
CA ASP C 99 31.53 2.16 3.52
C ASP C 99 32.94 2.67 3.28
N ALA C 100 33.40 3.58 4.14
CA ALA C 100 34.73 4.16 3.99
C ALA C 100 35.32 4.50 5.33
N GLU C 101 36.64 4.42 5.42
CA GLU C 101 37.33 4.90 6.60
C GLU C 101 37.89 6.26 6.26
N ILE C 102 37.53 7.24 7.08
CA ILE C 102 37.96 8.61 6.84
C ILE C 102 39.45 8.70 7.11
N SER C 103 40.17 9.27 6.14
CA SER C 103 41.63 9.28 6.22
C SER C 103 42.24 10.67 6.45
N ARG C 104 41.57 11.73 6.02
CA ARG C 104 42.14 13.06 6.12
C ARG C 104 41.09 14.14 5.96
N LYS C 105 41.18 15.20 6.76
CA LYS C 105 40.33 16.37 6.57
C LYS C 105 41.19 17.62 6.48
N ARG C 106 40.78 18.54 5.63
CA ARG C 106 41.52 19.77 5.47
C ARG C 106 40.48 20.87 5.28
N GLU C 107 40.54 21.91 6.11
CA GLU C 107 39.58 23.00 5.98
C GLU C 107 40.33 24.28 5.70
N THR C 108 39.96 24.95 4.62
CA THR C 108 40.57 26.23 4.27
C THR C 108 39.44 27.23 4.16
N ARG C 109 39.77 28.41 3.64
CA ARG C 109 38.78 29.47 3.54
C ARG C 109 37.76 29.17 2.44
N THR C 110 38.12 28.30 1.49
CA THR C 110 37.27 28.04 0.33
C THR C 110 36.57 26.68 0.35
N ALA C 111 37.18 25.69 0.98
CA ALA C 111 36.66 24.32 0.89
C ALA C 111 36.79 23.51 2.18
N ARG C 112 35.86 22.58 2.37
CA ARG C 112 36.02 21.54 3.35
C ARG C 112 36.36 20.26 2.60
N GLU C 113 37.53 19.72 2.86
CA GLU C 113 38.05 18.63 2.07
C GLU C 113 38.01 17.34 2.86
N LEU C 114 37.18 16.40 2.40
CA LEU C 114 37.06 15.11 3.05
C LEU C 114 37.72 14.03 2.20
N TYR C 115 38.64 13.26 2.79
CA TYR C 115 39.27 12.15 2.10
C TYR C 115 39.04 10.88 2.88
N ALA C 116 38.77 9.80 2.16
CA ALA C 116 38.52 8.52 2.82
C ALA C 116 38.85 7.34 1.92
N ASN C 117 39.09 6.19 2.54
CA ASN C 117 39.30 4.94 1.81
C ASN C 117 37.99 4.22 1.56
N VAL C 118 37.47 4.36 0.36
CA VAL C 118 36.19 3.77 -0.01
C VAL C 118 36.34 2.27 -0.23
N VAL C 119 35.46 1.49 0.39
CA VAL C 119 35.49 0.04 0.25
C VAL C 119 34.55 -0.43 -0.85
N LEU C 120 35.10 -0.98 -1.93
CA LEU C 120 34.27 -1.49 -3.03
C LEU C 120 33.98 -2.98 -2.94
N GLY C 121 33.73 -3.59 -4.10
CA GLY C 121 33.35 -4.99 -4.19
C GLY C 121 34.35 -5.96 -3.59
N ASP C 122 35.61 -5.86 -4.02
CA ASP C 122 36.68 -6.70 -3.47
C ASP C 122 37.79 -5.87 -2.81
N ASP C 123 38.49 -5.07 -3.61
CA ASP C 123 39.57 -4.21 -3.12
C ASP C 123 39.05 -2.90 -2.52
N SER C 124 39.94 -2.13 -1.90
CA SER C 124 39.59 -0.80 -1.44
C SER C 124 40.18 0.26 -2.36
N LEU C 125 39.77 1.51 -2.15
CA LEU C 125 40.11 2.57 -3.07
C LEU C 125 40.65 3.76 -2.29
N ASN C 126 41.92 3.70 -1.94
CA ASN C 126 42.50 4.64 -0.99
C ASN C 126 42.55 6.12 -1.42
N ASP C 127 42.26 6.97 -0.45
CA ASP C 127 42.43 8.41 -0.57
C ASP C 127 41.43 9.11 -1.50
N CYS C 128 40.20 8.62 -1.54
CA CYS C 128 39.17 9.23 -2.38
C CYS C 128 38.77 10.59 -1.84
N ARG C 129 38.59 11.55 -2.74
CA ARG C 129 38.12 12.87 -2.34
C ARG C 129 36.60 12.91 -2.32
N ILE C 130 36.03 12.74 -1.12
CA ILE C 130 34.59 12.73 -0.92
C ILE C 130 33.94 14.09 -1.13
N ILE C 131 32.97 14.14 -2.04
CA ILE C 131 32.34 15.41 -2.41
C ILE C 131 31.16 15.82 -1.51
N PHE C 132 30.49 14.85 -0.91
CA PHE C 132 29.26 15.12 -0.20
C PHE C 132 29.45 15.04 1.30
N VAL C 133 30.09 16.08 1.81
CA VAL C 133 30.57 16.14 3.18
C VAL C 133 29.42 16.25 4.17
N ASP C 134 28.29 16.79 3.71
CA ASP C 134 27.16 17.00 4.58
C ASP C 134 26.17 15.87 4.50
N GLU C 135 26.58 14.77 3.87
CA GLU C 135 25.74 13.58 3.76
C GLU C 135 26.46 12.31 4.16
N VAL C 136 27.15 12.34 5.30
CA VAL C 136 27.86 11.18 5.79
C VAL C 136 27.05 10.50 6.87
N PHE C 137 26.77 9.20 6.68
CA PHE C 137 25.89 8.47 7.57
C PHE C 137 26.67 7.66 8.57
N LYS C 138 26.15 7.62 9.79
CA LYS C 138 26.69 6.73 10.78
C LYS C 138 26.19 5.37 10.37
N ILE C 139 27.02 4.36 10.48
CA ILE C 139 26.57 3.01 10.26
C ILE C 139 25.92 2.51 11.55
N GLU C 140 24.66 2.10 11.45
CA GLU C 140 23.98 1.56 12.62
C GLU C 140 24.69 0.31 13.09
N ARG C 141 24.85 0.20 14.40
CA ARG C 141 25.48 -0.97 15.00
C ARG C 141 24.43 -1.97 15.45
N PRO C 142 24.70 -3.27 15.24
CA PRO C 142 23.81 -4.37 15.64
C PRO C 142 23.47 -4.33 17.13
N GLY C 143 22.21 -4.57 17.45
CA GLY C 143 21.78 -4.59 18.84
C GLY C 143 21.49 -3.20 19.38
N GLU C 144 22.46 -2.30 19.23
CA GLU C 144 22.28 -0.90 19.61
C GLU C 144 21.29 -0.26 18.63
N GLY C 145 20.64 0.81 19.07
CA GLY C 145 19.72 1.54 18.21
C GLY C 145 18.41 0.82 17.96
N SER C 146 17.40 1.57 17.53
CA SER C 146 16.07 1.02 17.27
C SER C 146 15.94 0.49 15.84
N PRO C 147 14.92 -0.36 15.61
CA PRO C 147 14.65 -0.82 14.25
C PRO C 147 13.77 0.19 13.52
N MET C 148 14.09 0.44 12.26
CA MET C 148 13.33 1.33 11.41
C MET C 148 12.09 0.61 10.87
N VAL C 149 10.92 1.00 11.35
CA VAL C 149 9.69 0.35 10.92
C VAL C 149 8.74 1.28 10.16
N ASP C 150 8.95 2.59 10.33
CA ASP C 150 8.14 3.59 9.64
C ASP C 150 8.87 4.03 8.36
N ASN C 151 8.13 4.27 7.29
CA ASN C 151 8.73 4.61 6.00
C ASN C 151 9.61 5.87 6.03
N PRO C 152 10.91 5.73 5.78
CA PRO C 152 11.88 6.82 5.96
C PRO C 152 12.06 7.70 4.74
N MET C 153 12.77 8.80 4.93
CA MET C 153 13.11 9.67 3.81
C MET C 153 14.13 8.93 2.96
N ARG C 154 14.30 9.36 1.72
CA ARG C 154 15.20 8.68 0.79
C ARG C 154 16.54 9.38 0.68
N ARG C 155 17.61 8.60 0.67
CA ARG C 155 18.91 9.14 0.32
C ARG C 155 18.89 9.49 -1.15
N LYS C 156 19.73 10.43 -1.56
CA LYS C 156 19.84 10.75 -2.97
C LYS C 156 20.97 9.96 -3.60
N SER C 157 20.67 9.23 -4.68
CA SER C 157 21.71 8.45 -5.37
C SER C 157 21.81 8.90 -6.82
N GLY C 158 22.99 8.70 -7.41
CA GLY C 158 23.31 9.29 -8.70
C GLY C 158 23.03 8.38 -9.88
N PRO C 159 23.28 8.83 -11.09
CA PRO C 159 22.70 7.99 -12.14
C PRO C 159 23.50 6.71 -12.43
N SER C 160 22.91 5.83 -13.23
CA SER C 160 23.68 4.85 -14.00
C SER C 160 23.66 5.34 -15.46
N CYS C 161 22.51 5.92 -15.84
CA CYS C 161 22.36 6.81 -17.00
C CYS C 161 21.03 7.59 -16.94
N SER D 1 8.57 -19.12 14.36
CA SER D 1 7.30 -19.65 14.84
C SER D 1 6.54 -20.32 13.72
N LEU D 2 5.31 -20.75 14.01
CA LEU D 2 4.49 -21.39 12.98
C LEU D 2 4.09 -20.36 11.95
N TYR D 3 3.61 -19.22 12.45
CA TYR D 3 3.05 -18.18 11.61
C TYR D 3 3.94 -16.95 11.57
N LYS D 4 4.26 -16.49 10.37
CA LYS D 4 5.19 -15.38 10.18
C LYS D 4 4.47 -14.02 10.13
N VAL D 5 5.23 -12.96 10.31
CA VAL D 5 4.70 -11.61 10.13
C VAL D 5 4.15 -11.47 8.71
N ASN D 6 3.09 -10.70 8.57
CA ASN D 6 2.49 -10.46 7.24
C ASN D 6 1.67 -11.62 6.72
N GLU D 7 1.63 -12.71 7.46
CA GLU D 7 0.88 -13.88 7.04
C GLU D 7 -0.56 -13.68 7.46
N TYR D 8 -1.48 -14.10 6.61
CA TYR D 8 -2.88 -13.93 6.90
C TYR D 8 -3.37 -15.11 7.69
N VAL D 9 -4.14 -14.84 8.73
CA VAL D 9 -4.54 -15.88 9.66
C VAL D 9 -5.96 -15.62 10.12
N ASP D 10 -6.49 -16.52 10.94
CA ASP D 10 -7.75 -16.28 11.63
C ASP D 10 -7.36 -16.23 13.09
N ALA D 11 -7.92 -15.26 13.80
CA ALA D 11 -7.64 -15.11 15.23
C ALA D 11 -8.93 -15.28 16.00
N ARG D 12 -8.87 -16.09 17.06
CA ARG D 12 -10.07 -16.38 17.81
C ARG D 12 -10.27 -15.41 18.96
N ASP D 13 -11.45 -14.81 19.02
CA ASP D 13 -11.83 -13.98 20.16
C ASP D 13 -12.26 -14.90 21.31
N THR D 14 -11.52 -14.86 22.42
CA THR D 14 -11.71 -15.80 23.52
C THR D 14 -13.01 -15.65 24.30
N ASN D 15 -13.65 -14.49 24.17
CA ASN D 15 -14.96 -14.28 24.80
C ASN D 15 -16.06 -15.06 24.10
N MET D 16 -16.17 -14.86 22.79
CA MET D 16 -17.29 -15.39 22.01
C MET D 16 -16.96 -16.67 21.24
N GLY D 17 -15.67 -17.03 21.19
CA GLY D 17 -15.27 -18.26 20.54
C GLY D 17 -15.11 -18.13 19.03
N ALA D 18 -15.64 -17.05 18.47
CA ALA D 18 -15.57 -16.82 17.03
C ALA D 18 -14.15 -16.59 16.52
N TRP D 19 -13.92 -16.94 15.26
CA TRP D 19 -12.65 -16.66 14.61
C TRP D 19 -12.80 -15.49 13.67
N PHE D 20 -11.77 -14.63 13.63
CA PHE D 20 -11.84 -13.42 12.84
C PHE D 20 -10.68 -13.31 11.87
N GLU D 21 -10.94 -12.73 10.71
CA GLU D 21 -9.89 -12.58 9.73
C GLU D 21 -8.93 -11.49 10.23
N ALA D 22 -7.65 -11.84 10.30
CA ALA D 22 -6.65 -10.95 10.84
C ALA D 22 -5.34 -11.19 10.15
N GLN D 23 -4.33 -10.42 10.54
CA GLN D 23 -3.02 -10.49 9.91
C GLN D 23 -1.88 -10.23 10.89
N VAL D 24 -0.80 -10.98 10.73
CA VAL D 24 0.27 -10.96 11.73
C VAL D 24 1.16 -9.77 11.49
N VAL D 25 1.30 -8.96 12.54
CA VAL D 25 2.09 -7.73 12.51
C VAL D 25 3.47 -7.87 13.15
N ARG D 26 3.52 -8.56 14.28
CA ARG D 26 4.78 -8.80 14.99
C ARG D 26 4.73 -10.09 15.79
N VAL D 27 5.88 -10.75 15.92
CA VAL D 27 5.96 -11.99 16.70
C VAL D 27 6.93 -11.85 17.88
N THR D 28 6.44 -12.11 19.09
CA THR D 28 7.29 -12.10 20.29
C THR D 28 7.04 -13.35 21.14
N ARG D 29 8.04 -13.74 21.93
CA ARG D 29 7.93 -14.93 22.79
C ARG D 29 7.82 -14.62 24.29
N GLU D 38 9.57 -23.54 21.41
CA GLU D 38 8.22 -24.05 21.67
C GLU D 38 7.17 -23.02 21.28
N GLU D 39 6.06 -23.49 20.69
CA GLU D 39 5.00 -22.58 20.23
C GLU D 39 4.10 -22.03 21.33
N ASP D 40 4.69 -21.54 22.41
CA ASP D 40 3.96 -20.69 23.34
C ASP D 40 4.45 -19.27 23.13
N VAL D 41 4.17 -18.75 21.94
CA VAL D 41 4.60 -17.42 21.53
C VAL D 41 3.44 -16.47 21.57
N ILE D 42 3.71 -15.21 21.28
CA ILE D 42 2.68 -14.19 21.24
C ILE D 42 2.53 -13.62 19.83
N TYR D 43 1.31 -13.63 19.33
CA TYR D 43 1.05 -13.11 18.01
C TYR D 43 0.39 -11.75 18.11
N HIS D 44 1.06 -10.76 17.51
CA HIS D 44 0.49 -9.44 17.42
C HIS D 44 -0.23 -9.31 16.10
N VAL D 45 -1.56 -9.32 16.15
CA VAL D 45 -2.38 -9.27 14.93
C VAL D 45 -3.21 -8.00 14.83
N LYS D 46 -3.39 -7.50 13.61
CA LYS D 46 -4.36 -6.44 13.37
C LYS D 46 -5.53 -7.04 12.60
N TYR D 47 -6.74 -6.68 12.99
CA TYR D 47 -7.93 -7.25 12.37
C TYR D 47 -8.29 -6.54 11.05
N ASP D 48 -8.62 -7.32 10.03
CA ASP D 48 -8.84 -6.79 8.69
C ASP D 48 -9.81 -5.60 8.64
N ASP D 49 -10.97 -5.77 9.26
CA ASP D 49 -12.01 -4.75 9.23
C ASP D 49 -12.36 -4.23 10.64
N TYR D 50 -11.36 -4.16 11.50
CA TYR D 50 -11.52 -3.56 12.83
C TYR D 50 -10.33 -2.71 13.24
N PRO D 51 -9.89 -1.80 12.36
CA PRO D 51 -8.72 -0.95 12.66
C PRO D 51 -8.83 -0.31 14.03
N GLU D 52 -10.05 -0.02 14.45
CA GLU D 52 -10.30 0.65 15.71
C GLU D 52 -9.75 -0.13 16.90
N ASN D 53 -9.41 -1.40 16.69
CA ASN D 53 -8.94 -2.22 17.80
C ASN D 53 -7.43 -2.31 17.75
N GLY D 54 -6.87 -1.64 16.76
CA GLY D 54 -5.43 -1.60 16.56
C GLY D 54 -4.81 -2.99 16.62
N VAL D 55 -3.65 -3.07 17.23
CA VAL D 55 -2.91 -4.31 17.29
C VAL D 55 -3.18 -5.05 18.59
N VAL D 56 -3.80 -6.23 18.48
CA VAL D 56 -4.11 -7.05 19.63
C VAL D 56 -3.10 -8.17 19.77
N GLN D 57 -2.83 -8.56 21.03
CA GLN D 57 -1.95 -9.69 21.30
C GLN D 57 -2.78 -10.95 21.41
N MET D 58 -2.33 -12.00 20.71
CA MET D 58 -3.03 -13.27 20.72
C MET D 58 -2.16 -14.36 21.31
N ASN D 59 -2.76 -15.21 22.14
CA ASN D 59 -2.10 -16.44 22.56
C ASN D 59 -2.04 -17.40 21.36
N SER D 60 -0.95 -18.15 21.22
CA SER D 60 -0.76 -18.95 20.01
C SER D 60 -1.90 -19.94 19.76
N ARG D 61 -2.56 -20.39 20.82
CA ARG D 61 -3.62 -21.36 20.68
C ARG D 61 -4.82 -20.74 19.97
N ASP D 62 -4.76 -19.42 19.77
CA ASP D 62 -5.91 -18.70 19.20
C ASP D 62 -5.60 -18.07 17.83
N VAL D 63 -4.54 -18.54 17.20
CA VAL D 63 -4.21 -18.15 15.83
C VAL D 63 -3.94 -19.38 14.94
N ARG D 64 -4.61 -19.46 13.80
CA ARG D 64 -4.24 -20.45 12.78
C ARG D 64 -4.18 -19.80 11.42
N ALA D 65 -3.68 -20.55 10.44
CA ALA D 65 -3.68 -20.09 9.05
C ALA D 65 -5.10 -19.76 8.59
N ARG D 66 -5.22 -18.72 7.79
CA ARG D 66 -6.50 -18.29 7.27
C ARG D 66 -7.23 -19.40 6.48
N ALA D 67 -8.51 -19.56 6.78
CA ALA D 67 -9.33 -20.51 6.05
C ALA D 67 -9.35 -20.14 4.58
N ARG D 68 -9.36 -21.15 3.71
CA ARG D 68 -9.32 -20.89 2.27
C ARG D 68 -10.12 -21.92 1.50
N THR D 69 -10.33 -23.08 2.11
CA THR D 69 -10.86 -24.22 1.39
C THR D 69 -12.29 -24.51 1.83
N ILE D 70 -13.20 -24.52 0.87
CA ILE D 70 -14.58 -24.79 1.18
C ILE D 70 -14.86 -26.28 1.03
N ILE D 71 -15.58 -26.82 1.99
CA ILE D 71 -16.03 -28.20 1.91
C ILE D 71 -17.46 -28.25 1.42
N LYS D 72 -17.64 -28.83 0.23
CA LYS D 72 -18.95 -28.95 -0.40
C LYS D 72 -19.92 -29.77 0.45
N TRP D 73 -21.20 -29.47 0.32
CA TRP D 73 -22.22 -30.24 1.00
C TRP D 73 -22.00 -31.76 0.88
N GLN D 74 -21.70 -32.23 -0.33
CA GLN D 74 -21.55 -33.65 -0.57
C GLN D 74 -20.32 -34.26 0.10
N ASP D 75 -19.37 -33.42 0.50
CA ASP D 75 -18.16 -33.92 1.13
C ASP D 75 -18.23 -33.83 2.66
N LEU D 76 -19.33 -33.28 3.16
CA LEU D 76 -19.50 -33.11 4.59
C LEU D 76 -19.90 -34.41 5.26
N GLU D 77 -19.03 -34.91 6.13
CA GLU D 77 -19.31 -36.13 6.87
C GLU D 77 -19.67 -35.77 8.30
N VAL D 78 -20.64 -36.48 8.86
CA VAL D 78 -20.89 -36.35 10.29
C VAL D 78 -19.62 -36.65 11.08
N GLY D 79 -19.45 -35.96 12.22
CA GLY D 79 -18.30 -36.16 13.08
C GLY D 79 -17.09 -35.34 12.65
N GLN D 80 -17.21 -34.69 11.50
CA GLN D 80 -16.15 -33.86 10.95
C GLN D 80 -16.14 -32.53 11.67
N VAL D 81 -14.95 -32.01 11.98
CA VAL D 81 -14.83 -30.73 12.68
C VAL D 81 -14.44 -29.59 11.74
N VAL D 82 -15.33 -28.61 11.59
CA VAL D 82 -15.16 -27.59 10.57
C VAL D 82 -15.30 -26.17 11.12
N MET D 83 -15.12 -25.18 10.26
CA MET D 83 -15.46 -23.79 10.60
C MET D 83 -16.61 -23.28 9.74
N LEU D 84 -17.72 -22.92 10.39
CA LEU D 84 -18.93 -22.49 9.69
C LEU D 84 -19.50 -21.26 10.34
N ASN D 85 -20.58 -20.76 9.78
CA ASN D 85 -21.18 -19.51 10.20
C ASN D 85 -22.49 -19.71 10.96
N TYR D 86 -22.57 -19.10 12.15
CA TYR D 86 -23.77 -19.25 12.98
C TYR D 86 -23.99 -18.01 13.84
N ASN D 87 -25.25 -17.67 14.05
CA ASN D 87 -25.60 -16.50 14.85
C ASN D 87 -26.43 -16.89 16.06
N PRO D 88 -25.77 -17.21 17.18
CA PRO D 88 -26.45 -17.81 18.33
C PRO D 88 -27.60 -16.97 18.91
N ASP D 89 -27.62 -15.67 18.64
CA ASP D 89 -28.69 -14.81 19.13
C ASP D 89 -29.81 -14.77 18.10
N ASN D 90 -29.46 -15.03 16.84
CA ASN D 90 -30.42 -15.01 15.74
C ASN D 90 -30.17 -16.15 14.76
N PRO D 91 -30.45 -17.39 15.19
CA PRO D 91 -30.09 -18.58 14.42
C PRO D 91 -30.59 -18.59 12.97
N LYS D 92 -31.53 -17.73 12.62
CA LYS D 92 -32.00 -17.73 11.23
C LYS D 92 -31.21 -16.73 10.38
N GLU D 93 -30.30 -16.00 11.01
CA GLU D 93 -29.54 -14.94 10.33
C GLU D 93 -28.05 -15.28 10.21
N ARG D 94 -27.34 -14.54 9.38
CA ARG D 94 -25.90 -14.75 9.30
C ARG D 94 -25.25 -14.23 10.58
N GLY D 95 -24.17 -14.87 11.00
CA GLY D 95 -23.49 -14.48 12.23
C GLY D 95 -21.99 -14.48 12.06
N PHE D 96 -21.29 -15.17 12.95
CA PHE D 96 -19.84 -15.19 12.88
C PHE D 96 -19.31 -16.58 12.60
N TRP D 97 -17.99 -16.73 12.67
CA TRP D 97 -17.35 -17.98 12.29
C TRP D 97 -16.92 -18.78 13.51
N TYR D 98 -17.54 -19.94 13.69
CA TYR D 98 -17.22 -20.78 14.84
C TYR D 98 -16.77 -22.14 14.37
N ASP D 99 -16.05 -22.84 15.25
CA ASP D 99 -15.74 -24.24 15.04
C ASP D 99 -16.89 -25.11 15.48
N ALA D 100 -17.21 -26.13 14.69
CA ALA D 100 -18.33 -27.02 15.00
C ALA D 100 -18.03 -28.44 14.56
N GLU D 101 -18.59 -29.41 15.28
CA GLU D 101 -18.57 -30.78 14.84
C GLU D 101 -19.91 -31.04 14.22
N ILE D 102 -19.90 -31.49 12.98
CA ILE D 102 -21.12 -31.82 12.27
C ILE D 102 -21.78 -33.07 12.87
N SER D 103 -23.07 -32.97 13.17
CA SER D 103 -23.76 -34.00 13.94
C SER D 103 -24.82 -34.76 13.13
N ARG D 104 -25.39 -34.11 12.13
CA ARG D 104 -26.47 -34.74 11.38
C ARG D 104 -26.72 -34.03 10.06
N LYS D 105 -26.96 -34.81 9.01
CA LYS D 105 -27.40 -34.25 7.73
C LYS D 105 -28.67 -34.93 7.27
N ARG D 106 -29.55 -34.14 6.66
CA ARG D 106 -30.81 -34.66 6.17
C ARG D 106 -31.13 -33.93 4.88
N GLU D 107 -31.31 -34.68 3.81
CA GLU D 107 -31.62 -34.06 2.54
C GLU D 107 -32.97 -34.55 2.08
N THR D 108 -33.85 -33.59 1.80
CA THR D 108 -35.16 -33.90 1.25
C THR D 108 -35.29 -33.16 -0.05
N ARG D 109 -36.51 -33.18 -0.61
CA ARG D 109 -36.76 -32.58 -1.90
C ARG D 109 -36.68 -31.05 -1.82
N THR D 110 -36.88 -30.51 -0.62
CA THR D 110 -36.94 -29.06 -0.44
C THR D 110 -35.73 -28.43 0.23
N ALA D 111 -35.02 -29.17 1.07
CA ALA D 111 -33.94 -28.58 1.86
C ALA D 111 -32.75 -29.49 2.08
N ARG D 112 -31.58 -28.88 2.19
CA ARG D 112 -30.40 -29.56 2.71
C ARG D 112 -30.21 -29.11 4.15
N GLU D 113 -30.31 -30.04 5.07
CA GLU D 113 -30.33 -29.69 6.48
C GLU D 113 -29.03 -30.09 7.17
N LEU D 114 -28.30 -29.08 7.64
CA LEU D 114 -27.02 -29.30 8.29
C LEU D 114 -27.15 -29.00 9.77
N TYR D 115 -26.78 -29.96 10.60
CA TYR D 115 -26.80 -29.77 12.06
C TYR D 115 -25.42 -30.04 12.63
N ALA D 116 -25.00 -29.19 13.56
CA ALA D 116 -23.69 -29.34 14.16
C ALA D 116 -23.65 -28.77 15.56
N ASN D 117 -22.67 -29.22 16.33
CA ASN D 117 -22.40 -28.68 17.67
C ASN D 117 -21.43 -27.51 17.60
N VAL D 118 -21.96 -26.30 17.66
CA VAL D 118 -21.16 -25.10 17.58
C VAL D 118 -20.39 -24.86 18.88
N VAL D 119 -19.09 -24.61 18.77
CA VAL D 119 -18.27 -24.35 19.94
C VAL D 119 -18.11 -22.86 20.22
N LEU D 120 -18.66 -22.40 21.34
CA LEU D 120 -18.63 -20.99 21.71
C LEU D 120 -17.48 -20.66 22.66
N GLY D 121 -17.64 -19.56 23.40
CA GLY D 121 -16.62 -19.07 24.30
C GLY D 121 -16.15 -20.08 25.33
N ASP D 122 -17.10 -20.64 26.08
CA ASP D 122 -16.78 -21.64 27.08
C ASP D 122 -17.49 -22.97 26.79
N ASP D 123 -18.82 -22.97 26.88
CA ASP D 123 -19.61 -24.18 26.63
C ASP D 123 -19.82 -24.41 25.13
N SER D 124 -20.38 -25.56 24.78
CA SER D 124 -20.80 -25.83 23.41
C SER D 124 -22.31 -25.68 23.25
N LEU D 125 -22.77 -25.71 22.00
CA LEU D 125 -24.16 -25.42 21.70
C LEU D 125 -24.74 -26.50 20.80
N ASN D 126 -25.12 -27.63 21.39
CA ASN D 126 -25.46 -28.81 20.62
C ASN D 126 -26.67 -28.71 19.69
N ASP D 127 -26.51 -29.34 18.53
CA ASP D 127 -27.58 -29.53 17.56
C ASP D 127 -28.08 -28.27 16.82
N CYS D 128 -27.18 -27.31 16.59
CA CYS D 128 -27.56 -26.09 15.89
C CYS D 128 -27.87 -26.38 14.45
N ARG D 129 -28.90 -25.72 13.94
CA ARG D 129 -29.27 -25.85 12.53
C ARG D 129 -28.52 -24.83 11.69
N ILE D 130 -27.45 -25.28 11.06
CA ILE D 130 -26.58 -24.44 10.25
C ILE D 130 -27.23 -24.01 8.94
N ILE D 131 -27.31 -22.70 8.72
CA ILE D 131 -28.03 -22.19 7.56
C ILE D 131 -27.19 -22.07 6.30
N PHE D 132 -25.89 -21.90 6.46
CA PHE D 132 -25.03 -21.64 5.32
C PHE D 132 -24.18 -22.85 4.93
N VAL D 133 -24.85 -23.78 4.27
CA VAL D 133 -24.33 -25.11 3.97
C VAL D 133 -23.28 -25.08 2.87
N ASP D 134 -23.33 -24.05 2.04
CA ASP D 134 -22.36 -23.89 0.97
C ASP D 134 -21.19 -23.00 1.34
N GLU D 135 -21.06 -22.71 2.64
CA GLU D 135 -19.95 -21.89 3.14
C GLU D 135 -19.27 -22.53 4.33
N VAL D 136 -18.98 -23.83 4.25
CA VAL D 136 -18.29 -24.51 5.34
C VAL D 136 -16.80 -24.62 5.05
N PHE D 137 -15.98 -24.16 5.98
CA PHE D 137 -14.55 -24.14 5.73
C PHE D 137 -13.85 -25.31 6.39
N LYS D 138 -12.87 -25.84 5.68
CA LYS D 138 -11.95 -26.79 6.27
C LYS D 138 -11.07 -25.97 7.18
N ILE D 139 -10.77 -26.49 8.36
CA ILE D 139 -9.83 -25.85 9.25
C ILE D 139 -8.42 -26.24 8.84
N GLU D 140 -7.59 -25.27 8.52
CA GLU D 140 -6.23 -25.59 8.09
C GLU D 140 -5.52 -26.27 9.25
N ARG D 141 -4.76 -27.29 8.92
CA ARG D 141 -3.98 -28.01 9.93
C ARG D 141 -2.55 -27.47 9.97
N PRO D 142 -2.00 -27.31 11.17
CA PRO D 142 -0.61 -26.89 11.38
C PRO D 142 0.40 -27.74 10.63
N GLY D 143 1.38 -27.09 9.99
CA GLY D 143 2.42 -27.81 9.29
C GLY D 143 2.01 -28.16 7.88
N GLU D 144 0.87 -28.86 7.76
CA GLU D 144 0.29 -29.16 6.45
C GLU D 144 -0.18 -27.85 5.81
N GLY D 145 -0.31 -27.86 4.48
CA GLY D 145 -0.83 -26.69 3.77
C GLY D 145 0.14 -25.53 3.74
N SER D 146 -0.07 -24.63 2.79
CA SER D 146 0.80 -23.48 2.60
C SER D 146 0.37 -22.30 3.46
N PRO D 147 1.27 -21.33 3.65
CA PRO D 147 0.90 -20.12 4.38
C PRO D 147 0.27 -19.15 3.39
N MET D 148 -0.77 -18.45 3.84
CA MET D 148 -1.43 -17.42 3.08
C MET D 148 -0.67 -16.10 3.14
N VAL D 149 -0.05 -15.71 2.04
CA VAL D 149 0.73 -14.48 2.05
C VAL D 149 0.17 -13.42 1.10
N ASP D 150 -0.68 -13.84 0.17
CA ASP D 150 -1.31 -12.92 -0.77
C ASP D 150 -2.69 -12.56 -0.26
N ASN D 151 -3.11 -11.30 -0.44
CA ASN D 151 -4.38 -10.83 0.12
C ASN D 151 -5.59 -11.65 -0.40
N PRO D 152 -6.31 -12.32 0.51
CA PRO D 152 -7.39 -13.23 0.13
C PRO D 152 -8.75 -12.57 0.02
N MET D 153 -9.71 -13.32 -0.49
CA MET D 153 -11.07 -12.85 -0.58
C MET D 153 -11.63 -12.87 0.84
N ARG D 154 -12.71 -12.15 1.06
CA ARG D 154 -13.24 -11.99 2.41
C ARG D 154 -14.41 -12.93 2.61
N ARG D 155 -14.49 -13.53 3.79
CA ARG D 155 -15.71 -14.22 4.19
C ARG D 155 -16.80 -13.18 4.46
N LYS D 156 -18.05 -13.58 4.36
CA LYS D 156 -19.15 -12.68 4.68
C LYS D 156 -19.57 -12.90 6.13
N SER D 157 -19.56 -11.83 6.91
CA SER D 157 -20.01 -11.93 8.31
C SER D 157 -21.18 -10.99 8.57
N GLY D 158 -22.00 -11.34 9.57
CA GLY D 158 -23.30 -10.72 9.71
C GLY D 158 -23.40 -9.69 10.80
N PRO D 159 -24.64 -9.39 11.24
CA PRO D 159 -25.05 -8.50 12.34
C PRO D 159 -24.09 -8.51 13.53
N SER D 160 -23.38 -7.40 13.74
CA SER D 160 -22.40 -7.28 14.83
C SER D 160 -23.06 -7.23 16.21
N ALA E 1 16.64 47.51 2.00
CA ALA E 1 17.86 47.03 1.39
C ALA E 1 17.83 45.52 1.45
N ARG E 2 17.68 44.89 0.29
CA ARG E 2 17.31 43.48 0.28
C ARG E 2 18.51 42.52 0.37
N THR E 3 18.68 41.89 1.54
CA THR E 3 19.75 40.91 1.76
C THR E 3 19.32 39.50 1.36
N LYS E 4 20.24 38.74 0.78
CA LYS E 4 19.95 37.35 0.46
C LYS E 4 19.73 36.53 1.73
N GLN E 5 20.02 37.11 2.90
CA GLN E 5 19.55 36.51 4.14
C GLN E 5 18.05 36.73 4.25
N THR E 6 17.63 37.95 3.97
CA THR E 6 16.23 38.32 4.08
C THR E 6 15.38 37.50 3.14
N ALA E 7 15.69 37.58 1.85
CA ALA E 7 14.87 36.95 0.83
C ALA E 7 14.92 35.43 0.86
N ARG E 8 15.88 34.87 1.60
CA ARG E 8 16.03 33.42 1.70
C ARG E 8 14.70 32.78 2.14
N M3L E 9 13.72 33.63 2.47
CA M3L E 9 12.33 33.21 2.66
CB M3L E 9 11.83 33.27 4.13
CG M3L E 9 12.75 32.75 5.27
CD M3L E 9 12.20 32.41 6.68
CE M3L E 9 13.07 31.52 7.62
NZ M3L E 9 12.91 31.62 9.10
C M3L E 9 11.39 33.94 1.69
O M3L E 9 10.95 35.01 1.94
CM1 M3L E 9 13.54 30.49 9.75
CM2 M3L E 9 13.61 32.85 9.40
CM3 M3L E 9 11.64 31.80 9.80
N SER E 10 11.13 33.29 0.54
CA SER E 10 10.23 33.78 -0.52
C SER E 10 9.06 34.60 0.00
N ALA F 1 -36.85 -21.82 -27.01
CA ALA F 1 -37.15 -20.53 -26.39
C ALA F 1 -36.23 -20.25 -25.20
N ARG F 2 -36.61 -19.26 -24.37
CA ARG F 2 -35.79 -18.86 -23.23
C ARG F 2 -36.26 -19.38 -21.86
N THR F 3 -35.47 -20.24 -21.23
CA THR F 3 -35.69 -20.60 -19.82
C THR F 3 -34.62 -19.94 -18.98
N LYS F 4 -34.88 -19.73 -17.69
CA LYS F 4 -33.89 -19.07 -16.82
C LYS F 4 -32.51 -19.70 -17.01
N GLN F 5 -32.44 -21.01 -16.82
CA GLN F 5 -31.19 -21.75 -16.96
C GLN F 5 -30.47 -21.52 -18.29
N THR F 6 -31.25 -21.33 -19.36
CA THR F 6 -30.68 -21.19 -20.70
C THR F 6 -30.12 -19.79 -20.90
N ALA F 7 -30.51 -18.87 -20.04
CA ALA F 7 -30.04 -17.49 -20.14
C ALA F 7 -29.38 -16.99 -18.86
N ARG F 8 -28.39 -17.73 -18.36
CA ARG F 8 -27.62 -17.25 -17.24
C ARG F 8 -26.40 -16.51 -17.76
N M3L F 9 -26.14 -16.67 -19.05
CA M3L F 9 -25.09 -15.90 -19.72
CB M3L F 9 -23.97 -16.78 -20.31
CG M3L F 9 -23.41 -17.90 -19.40
CD M3L F 9 -22.10 -18.64 -19.79
CE M3L F 9 -21.66 -19.81 -18.88
NZ M3L F 9 -20.63 -20.79 -19.36
C M3L F 9 -25.74 -14.89 -20.69
O M3L F 9 -25.06 -14.12 -21.29
CM1 M3L F 9 -20.56 -21.83 -18.36
CM2 M3L F 9 -21.23 -21.25 -20.60
CM3 M3L F 9 -19.25 -20.54 -19.78
N M3L G 9 -19.22 -6.91 19.36
CA M3L G 9 -18.91 -8.32 19.55
CB M3L G 9 -17.38 -8.58 19.60
CG M3L G 9 -16.52 -8.11 18.40
CD M3L G 9 -15.01 -8.47 18.45
CE M3L G 9 -14.07 -7.92 17.35
NZ M3L G 9 -12.60 -8.26 17.49
C M3L G 9 -19.63 -8.90 20.78
O M3L G 9 -20.26 -8.20 21.50
CM1 M3L G 9 -11.91 -7.65 16.36
CM2 M3L G 9 -12.26 -7.61 18.74
CM3 M3L G 9 -12.05 -9.60 17.69
ZN ZN H . 22.02 28.15 -9.22
ZN ZN I . 30.74 38.34 -6.74
ZN ZN J . 20.08 44.61 -11.77
ZN ZN K . -34.75 -11.58 -5.83
ZN ZN L . -43.99 -21.11 -10.24
ZN ZN M . -44.69 -10.75 -19.72
ZN ZN N . 22.86 3.78 -20.08
#